data_4ZFG
#
_entry.id   4ZFG
#
_cell.length_a   181.668
_cell.length_b   109.292
_cell.length_c   43.946
_cell.angle_alpha   90.00
_cell.angle_beta   100.47
_cell.angle_gamma   90.00
#
_symmetry.space_group_name_H-M   'C 1 2 1'
#
loop_
_entity.id
_entity.type
_entity.pdbx_description
1 polymer Angiopoietin-2
2 polymer 'Fragment antigen binding 5A12 heavy chain'
3 polymer 'Fragment antigen binding 5A12 light chain'
4 non-polymer 'CALCIUM ION'
5 non-polymer 'SULFATE ION'
6 water water
#
loop_
_entity_poly.entity_id
_entity_poly.type
_entity_poly.pdbx_seq_one_letter_code
_entity_poly.pdbx_strand_id
1 'polypeptide(L)'
;AGSEQISFRDCAEVFKSGHTTNGIYTLTFPNSTEEIKAYCDMEAGGGGWTIIQRREDGSVDFQRTWKEYKVGFGNPSGEY
WLGNEFVSQLTNQQRYVLKIHLKDWEGNEAYSLYEHFYLSSEELNYRIHLKGLTGTAGKISSISQPGNDFSTKDGDNDKC
ICKCSQMLTGGWWFDACGPSNLNGMYYPQRQNTNKFNGIKWYYWKGSGYSLKATTMMIRPADFGNSHHHHHH
;
A
2 'polypeptide(L)'
;EVQLVESGGGLVQPGGSLRLSCAASGFTISDYWIHWVRQAPGKGLEWVAGITPAGGYTYYADSVKGRFTISADTSKNTAY
LQMNSLRAEDTAVYYCARFVFFLPYAMDYWGQGTLVTVSSASTKGPSVFPLAPSSKSTSGGTAALGCLVKDYFPEPVTVS
WNSGALTSGVHTFPAVLQSSGLYSLSSVVTVPSSSLGTQTYICNVNHKPSNTKVDKKVEPKSCDKTHT
;
H
3 'polypeptide(L)'
;DIQMTQSPSSLSASVGDRVTITCRASQFLSSFGVAWYQQKPGKAPKLLIYGASSLYSGVPSRFSGSGSGTDFTLTISSLQ
PEDFATYYCQQGLLSPLTFGQGTKVEIKRTVAAPSVFIFPPSDEQLKSGTASVVCLLNNFYPREAKVQWKVDNALQSGNS
QESVTEQDSKDSTYSLSSTLTLSKADYEKHKVYACEVTHQGLSSPVTKSFNRGEC
;
L
#
loop_
_chem_comp.id
_chem_comp.type
_chem_comp.name
_chem_comp.formula
CA non-polymer 'CALCIUM ION' 'Ca 2'
SO4 non-polymer 'SULFATE ION' 'O4 S -2'
#
# COMPACT_ATOMS: atom_id res chain seq x y z
N GLN A 5 -27.94 40.14 -40.24
CA GLN A 5 -27.49 38.74 -40.20
C GLN A 5 -25.95 38.60 -40.04
N ILE A 6 -25.26 39.64 -39.54
CA ILE A 6 -23.80 39.69 -39.34
C ILE A 6 -23.31 38.57 -38.39
N SER A 7 -22.10 38.04 -38.64
CA SER A 7 -21.50 36.98 -37.83
C SER A 7 -20.51 37.49 -36.77
N PHE A 8 -20.50 36.82 -35.59
CA PHE A 8 -19.59 37.11 -34.48
C PHE A 8 -18.95 35.80 -34.03
N ARG A 9 -17.62 35.78 -33.86
CA ARG A 9 -16.96 34.56 -33.40
C ARG A 9 -17.19 34.30 -31.89
N ASP A 10 -17.39 35.37 -31.09
CA ASP A 10 -17.61 35.28 -29.63
C ASP A 10 -18.46 36.43 -29.11
N CYS A 11 -18.73 36.45 -27.80
CA CYS A 11 -19.51 37.45 -27.10
C CYS A 11 -18.86 38.79 -27.00
N ALA A 12 -17.52 38.87 -27.14
CA ALA A 12 -16.79 40.13 -27.12
C ALA A 12 -17.16 40.93 -28.39
N GLU A 13 -17.26 40.24 -29.54
CA GLU A 13 -17.66 40.81 -30.84
C GLU A 13 -19.12 41.17 -30.79
N VAL A 14 -19.97 40.30 -30.21
CA VAL A 14 -21.40 40.57 -30.00
C VAL A 14 -21.54 41.89 -29.21
N PHE A 15 -20.71 42.06 -28.15
CA PHE A 15 -20.71 43.23 -27.28
C PHE A 15 -20.25 44.47 -28.03
N LYS A 16 -19.09 44.37 -28.70
CA LYS A 16 -18.45 45.47 -29.42
C LYS A 16 -19.35 46.08 -30.52
N SER A 17 -20.26 45.25 -31.07
CA SER A 17 -21.22 45.63 -32.11
C SER A 17 -22.46 46.38 -31.53
N GLY A 18 -22.53 46.51 -30.20
CA GLY A 18 -23.61 47.23 -29.51
C GLY A 18 -24.66 46.38 -28.83
N HIS A 19 -24.51 45.04 -28.82
CA HIS A 19 -25.44 44.15 -28.13
C HIS A 19 -24.91 43.94 -26.73
N THR A 20 -25.33 44.80 -25.80
CA THR A 20 -24.85 44.82 -24.42
C THR A 20 -25.86 44.24 -23.43
N THR A 21 -26.78 43.39 -23.92
CA THR A 21 -27.81 42.73 -23.12
C THR A 21 -27.46 41.25 -22.87
N ASN A 22 -27.52 40.80 -21.61
CA ASN A 22 -27.30 39.40 -21.24
C ASN A 22 -28.38 38.55 -21.92
N GLY A 23 -27.98 37.39 -22.40
CA GLY A 23 -28.86 36.43 -23.06
C GLY A 23 -28.13 35.58 -24.09
N ILE A 24 -28.87 34.70 -24.77
CA ILE A 24 -28.35 33.78 -25.80
C ILE A 24 -28.13 34.52 -27.12
N TYR A 25 -27.02 34.21 -27.78
CA TYR A 25 -26.65 34.79 -29.07
C TYR A 25 -26.12 33.70 -29.96
N THR A 26 -26.22 33.92 -31.28
CA THR A 26 -25.76 33.01 -32.32
C THR A 26 -24.33 33.35 -32.68
N LEU A 27 -23.40 32.42 -32.41
CA LEU A 27 -21.98 32.62 -32.71
C LEU A 27 -21.59 31.84 -33.95
N THR A 28 -20.47 32.23 -34.58
CA THR A 28 -20.01 31.59 -35.80
C THR A 28 -18.64 30.99 -35.64
N PHE A 29 -18.50 29.70 -35.97
CA PHE A 29 -17.21 29.00 -35.93
C PHE A 29 -16.21 29.77 -36.80
N PRO A 30 -14.93 29.94 -36.36
CA PRO A 30 -13.97 30.68 -37.21
C PRO A 30 -13.64 29.93 -38.51
N ASN A 31 -13.40 30.69 -39.63
CA ASN A 31 -13.07 30.18 -40.99
C ASN A 31 -14.19 29.29 -41.56
N SER A 32 -15.36 29.28 -40.89
CA SER A 32 -16.52 28.43 -41.22
C SER A 32 -17.85 29.20 -41.22
N THR A 33 -18.94 28.55 -41.64
CA THR A 33 -20.30 29.11 -41.69
C THR A 33 -21.19 28.36 -40.70
N GLU A 34 -20.56 27.48 -39.91
CA GLU A 34 -21.24 26.70 -38.89
C GLU A 34 -21.56 27.64 -37.72
N GLU A 35 -22.76 27.51 -37.17
CA GLU A 35 -23.24 28.33 -36.06
C GLU A 35 -23.43 27.53 -34.76
N ILE A 36 -23.44 28.24 -33.63
CA ILE A 36 -23.60 27.67 -32.28
C ILE A 36 -24.28 28.72 -31.38
N LYS A 37 -25.13 28.27 -30.46
CA LYS A 37 -25.80 29.16 -29.52
C LYS A 37 -25.07 29.17 -28.18
N ALA A 38 -24.51 30.33 -27.80
CA ALA A 38 -23.85 30.54 -26.51
C ALA A 38 -24.61 31.59 -25.70
N TYR A 39 -24.50 31.52 -24.37
CA TYR A 39 -25.05 32.54 -23.49
C TYR A 39 -23.95 33.59 -23.31
N CYS A 40 -24.32 34.86 -23.35
CA CYS A 40 -23.41 35.98 -23.20
C CYS A 40 -23.64 36.74 -21.92
N ASP A 41 -22.57 36.93 -21.12
CA ASP A 41 -22.65 37.73 -19.90
C ASP A 41 -22.01 39.07 -20.25
N MET A 42 -22.85 40.11 -20.35
CA MET A 42 -22.49 41.47 -20.76
C MET A 42 -22.31 42.44 -19.56
N GLU A 43 -22.47 41.92 -18.34
CA GLU A 43 -22.37 42.69 -17.10
C GLU A 43 -21.11 42.39 -16.32
N ALA A 44 -20.93 41.12 -15.88
CA ALA A 44 -19.77 40.65 -15.08
C ALA A 44 -18.44 41.13 -15.64
N GLY A 45 -17.65 41.73 -14.76
CA GLY A 45 -16.33 42.26 -15.09
C GLY A 45 -16.22 43.06 -16.37
N GLY A 46 -17.30 43.73 -16.75
CA GLY A 46 -17.34 44.57 -17.94
C GLY A 46 -18.01 43.97 -19.15
N GLY A 47 -18.37 42.70 -19.07
CA GLY A 47 -19.04 42.00 -20.17
C GLY A 47 -18.11 41.42 -21.19
N GLY A 48 -18.70 40.96 -22.29
CA GLY A 48 -17.99 40.31 -23.38
C GLY A 48 -17.72 38.84 -23.11
N TRP A 49 -18.37 38.25 -22.08
CA TRP A 49 -18.16 36.84 -21.69
C TRP A 49 -19.03 35.83 -22.42
N THR A 50 -18.39 34.79 -22.98
CA THR A 50 -19.00 33.61 -23.60
C THR A 50 -18.97 32.48 -22.55
N ILE A 51 -20.14 32.04 -22.09
CA ILE A 51 -20.25 30.97 -21.08
C ILE A 51 -19.97 29.63 -21.81
N ILE A 52 -18.99 28.85 -21.33
CA ILE A 52 -18.67 27.55 -21.94
C ILE A 52 -19.24 26.42 -21.08
N GLN A 53 -19.63 26.72 -19.83
CA GLN A 53 -20.22 25.77 -18.91
C GLN A 53 -21.06 26.45 -17.84
N ARG A 54 -22.17 25.85 -17.47
CA ARG A 54 -23.01 26.33 -16.37
C ARG A 54 -23.67 25.17 -15.66
N ARG A 55 -23.60 25.16 -14.32
CA ARG A 55 -24.32 24.24 -13.44
C ARG A 55 -25.05 25.17 -12.46
N GLU A 56 -26.28 24.81 -12.06
CA GLU A 56 -27.10 25.61 -11.13
C GLU A 56 -28.23 24.84 -10.43
N ASP A 57 -28.82 23.83 -11.07
CA ASP A 57 -29.95 23.12 -10.45
C ASP A 57 -29.93 21.59 -10.56
N GLY A 58 -29.05 21.04 -11.39
CA GLY A 58 -28.94 19.61 -11.60
C GLY A 58 -29.96 19.04 -12.56
N SER A 59 -30.52 19.88 -13.43
CA SER A 59 -31.53 19.50 -14.40
C SER A 59 -30.96 18.83 -15.64
N VAL A 60 -29.65 19.02 -15.93
CA VAL A 60 -29.06 18.43 -17.14
C VAL A 60 -28.08 17.30 -16.78
N ASP A 61 -28.14 16.21 -17.56
CA ASP A 61 -27.25 15.07 -17.36
C ASP A 61 -25.91 15.38 -18.00
N PHE A 62 -24.81 15.31 -17.20
CA PHE A 62 -23.46 15.61 -17.65
C PHE A 62 -22.63 14.33 -17.94
N GLN A 63 -23.20 13.13 -17.71
CA GLN A 63 -22.51 11.84 -18.01
C GLN A 63 -22.68 11.55 -19.48
N ARG A 64 -22.05 12.38 -20.33
CA ARG A 64 -22.18 12.34 -21.77
C ARG A 64 -20.93 11.83 -22.50
N THR A 65 -21.11 11.47 -23.78
CA THR A 65 -20.07 10.88 -24.63
C THR A 65 -19.07 11.91 -25.08
N TRP A 66 -17.98 11.44 -25.73
CA TRP A 66 -16.94 12.27 -26.33
C TRP A 66 -17.60 13.23 -27.34
N LYS A 67 -18.40 12.67 -28.27
CA LYS A 67 -19.15 13.38 -29.32
C LYS A 67 -20.05 14.51 -28.71
N GLU A 68 -20.87 14.19 -27.68
CA GLU A 68 -21.70 15.20 -27.00
C GLU A 68 -20.86 16.34 -26.37
N TYR A 69 -19.67 16.03 -25.80
CA TYR A 69 -18.78 17.05 -25.23
C TYR A 69 -18.07 17.87 -26.29
N LYS A 70 -17.81 17.25 -27.45
CA LYS A 70 -17.15 17.93 -28.56
C LYS A 70 -18.12 18.97 -29.19
N VAL A 71 -19.39 18.58 -29.32
CA VAL A 71 -20.45 19.30 -30.02
C VAL A 71 -21.25 20.27 -29.11
N GLY A 72 -21.48 19.87 -27.85
CA GLY A 72 -22.24 20.63 -26.87
C GLY A 72 -23.56 19.95 -26.57
N PHE A 73 -24.09 20.20 -25.37
CA PHE A 73 -25.37 19.65 -24.92
C PHE A 73 -25.99 20.61 -23.92
N GLY A 74 -27.22 20.34 -23.51
CA GLY A 74 -27.97 21.17 -22.57
C GLY A 74 -28.47 22.46 -23.20
N ASN A 75 -29.05 23.34 -22.37
CA ASN A 75 -29.59 24.63 -22.86
C ASN A 75 -28.75 25.86 -22.49
N PRO A 76 -28.46 26.77 -23.47
CA PRO A 76 -27.71 28.00 -23.13
C PRO A 76 -28.41 28.86 -22.06
N SER A 77 -29.75 28.69 -21.89
CA SER A 77 -30.58 29.38 -20.88
C SER A 77 -30.34 28.85 -19.47
N GLY A 78 -30.00 27.55 -19.39
CA GLY A 78 -29.78 26.87 -18.12
C GLY A 78 -28.44 26.16 -18.09
N GLU A 79 -28.45 24.91 -17.63
CA GLU A 79 -27.24 24.10 -17.55
C GLU A 79 -26.84 23.66 -18.93
N TYR A 80 -25.55 23.79 -19.26
CA TYR A 80 -25.05 23.36 -20.57
C TYR A 80 -23.56 23.32 -20.62
N TRP A 81 -23.03 22.72 -21.69
CA TRP A 81 -21.62 22.63 -22.04
C TRP A 81 -21.62 23.14 -23.46
N LEU A 82 -20.83 24.19 -23.76
CA LEU A 82 -20.80 24.80 -25.07
C LEU A 82 -20.31 23.85 -26.16
N GLY A 83 -19.13 23.28 -25.97
CA GLY A 83 -18.58 22.33 -26.93
C GLY A 83 -17.10 22.50 -27.09
N ASN A 84 -16.36 21.40 -26.96
CA ASN A 84 -14.92 21.36 -27.07
C ASN A 84 -14.39 21.81 -28.43
N GLU A 85 -15.06 21.42 -29.53
CA GLU A 85 -14.63 21.80 -30.88
C GLU A 85 -14.63 23.31 -31.05
N PHE A 86 -15.75 23.97 -30.68
CA PHE A 86 -15.88 25.43 -30.77
C PHE A 86 -14.86 26.17 -29.90
N VAL A 87 -14.72 25.78 -28.61
CA VAL A 87 -13.79 26.40 -27.67
C VAL A 87 -12.33 26.22 -28.15
N SER A 88 -11.98 25.02 -28.67
CA SER A 88 -10.62 24.79 -29.18
C SER A 88 -10.34 25.65 -30.42
N GLN A 89 -11.34 25.78 -31.32
CA GLN A 89 -11.26 26.63 -32.53
C GLN A 89 -11.04 28.06 -32.07
N LEU A 90 -12.00 28.63 -31.29
CA LEU A 90 -11.92 29.98 -30.75
C LEU A 90 -10.62 30.28 -30.02
N THR A 91 -10.22 29.43 -29.04
CA THR A 91 -9.06 29.72 -28.18
C THR A 91 -7.71 29.57 -28.91
N ASN A 92 -7.68 28.93 -30.09
CA ASN A 92 -6.43 28.83 -30.82
C ASN A 92 -6.21 30.02 -31.77
N GLN A 93 -7.28 30.79 -32.06
CA GLN A 93 -7.24 31.99 -32.90
C GLN A 93 -6.54 33.16 -32.18
N GLN A 94 -6.96 33.47 -30.93
CA GLN A 94 -6.37 34.53 -30.10
C GLN A 94 -6.33 34.14 -28.61
N ARG A 95 -5.53 34.87 -27.82
CA ARG A 95 -5.36 34.66 -26.38
C ARG A 95 -6.62 35.00 -25.57
N TYR A 96 -7.21 33.99 -24.88
CA TYR A 96 -8.39 34.17 -24.01
C TYR A 96 -8.02 33.96 -22.55
N VAL A 97 -8.76 34.63 -21.67
CA VAL A 97 -8.70 34.42 -20.22
C VAL A 97 -9.87 33.44 -19.90
N LEU A 98 -9.73 32.63 -18.84
CA LEU A 98 -10.79 31.73 -18.38
C LEU A 98 -11.18 32.21 -17.00
N LYS A 99 -12.44 32.57 -16.83
CA LYS A 99 -12.95 32.96 -15.52
C LYS A 99 -13.93 31.87 -15.06
N ILE A 100 -13.86 31.47 -13.79
CA ILE A 100 -14.71 30.43 -13.22
C ILE A 100 -15.38 30.95 -11.95
N HIS A 101 -16.69 31.15 -11.96
N HIS A 101 -16.70 31.15 -11.97
CA HIS A 101 -17.39 31.60 -10.75
CA HIS A 101 -17.49 31.62 -10.82
C HIS A 101 -18.06 30.40 -10.08
C HIS A 101 -18.12 30.42 -10.09
N LEU A 102 -17.91 30.30 -8.76
CA LEU A 102 -18.45 29.16 -7.98
C LEU A 102 -19.32 29.58 -6.78
N LYS A 103 -20.29 28.75 -6.43
CA LYS A 103 -21.18 29.02 -5.29
C LYS A 103 -21.26 27.79 -4.43
N ASP A 104 -21.11 27.93 -3.12
CA ASP A 104 -21.27 26.78 -2.25
C ASP A 104 -22.76 26.74 -1.76
N TRP A 105 -23.08 25.80 -0.85
CA TRP A 105 -24.41 25.67 -0.29
C TRP A 105 -24.60 26.50 0.98
N GLU A 106 -23.57 27.27 1.41
CA GLU A 106 -23.64 28.07 2.64
C GLU A 106 -23.72 29.56 2.36
N GLY A 107 -24.12 29.90 1.13
CA GLY A 107 -24.27 31.27 0.67
C GLY A 107 -23.01 31.99 0.24
N ASN A 108 -21.86 31.29 0.10
CA ASN A 108 -20.62 31.96 -0.31
C ASN A 108 -20.35 31.84 -1.79
N GLU A 109 -19.46 32.70 -2.30
CA GLU A 109 -19.05 32.75 -3.71
C GLU A 109 -17.56 32.93 -3.76
N ALA A 110 -16.95 32.51 -4.86
CA ALA A 110 -15.52 32.60 -5.10
C ALA A 110 -15.29 32.41 -6.59
N TYR A 111 -14.13 32.83 -7.08
CA TYR A 111 -13.85 32.71 -8.51
C TYR A 111 -12.40 32.39 -8.69
N SER A 112 -12.09 31.85 -9.86
CA SER A 112 -10.72 31.61 -10.27
C SER A 112 -10.60 32.24 -11.64
N LEU A 113 -9.45 32.84 -11.93
CA LEU A 113 -9.20 33.47 -13.21
C LEU A 113 -7.82 33.05 -13.72
N TYR A 114 -7.72 32.75 -15.01
CA TYR A 114 -6.46 32.36 -15.63
C TYR A 114 -6.15 33.36 -16.72
N GLU A 115 -4.93 33.86 -16.73
CA GLU A 115 -4.44 34.83 -17.71
C GLU A 115 -4.47 34.29 -19.13
N HIS A 116 -4.27 32.99 -19.28
CA HIS A 116 -4.27 32.33 -20.58
C HIS A 116 -4.90 30.96 -20.47
N PHE A 117 -5.82 30.65 -21.38
CA PHE A 117 -6.51 29.38 -21.49
C PHE A 117 -6.70 29.02 -22.91
N TYR A 118 -6.37 27.77 -23.27
CA TYR A 118 -6.69 27.21 -24.57
C TYR A 118 -6.76 25.70 -24.53
N LEU A 119 -7.54 25.15 -25.46
CA LEU A 119 -7.69 23.73 -25.67
C LEU A 119 -6.93 23.35 -26.93
N SER A 120 -6.26 22.19 -26.89
CA SER A 120 -5.61 21.63 -28.07
C SER A 120 -6.72 21.04 -28.99
N SER A 121 -6.35 20.63 -30.20
CA SER A 121 -7.31 20.04 -31.15
C SER A 121 -7.82 18.69 -30.62
N GLU A 122 -8.85 18.12 -31.31
CA GLU A 122 -9.42 16.81 -30.99
C GLU A 122 -8.38 15.69 -31.08
N GLU A 123 -7.41 15.82 -32.00
CA GLU A 123 -6.31 14.86 -32.24
C GLU A 123 -5.46 14.80 -31.00
N LEU A 124 -5.30 15.95 -30.32
CA LEU A 124 -4.56 16.05 -29.07
C LEU A 124 -5.49 15.94 -27.84
N ASN A 125 -6.69 15.37 -28.03
CA ASN A 125 -7.70 15.08 -27.01
C ASN A 125 -8.18 16.30 -26.22
N TYR A 126 -8.27 17.47 -26.90
CA TYR A 126 -8.71 18.76 -26.33
C TYR A 126 -8.02 19.10 -25.02
N ARG A 127 -6.73 18.72 -24.90
CA ARG A 127 -5.89 18.97 -23.73
C ARG A 127 -5.95 20.43 -23.37
N ILE A 128 -6.12 20.71 -22.06
CA ILE A 128 -6.23 22.05 -21.52
C ILE A 128 -4.85 22.65 -21.27
N HIS A 129 -4.74 23.97 -21.49
CA HIS A 129 -3.54 24.77 -21.25
C HIS A 129 -3.97 25.98 -20.44
N LEU A 130 -3.37 26.16 -19.25
CA LEU A 130 -3.73 27.26 -18.34
C LEU A 130 -2.52 27.94 -17.76
N LYS A 131 -2.56 29.29 -17.62
CA LYS A 131 -1.48 30.10 -17.02
C LYS A 131 -2.03 31.26 -16.21
N GLY A 132 -1.26 31.64 -15.20
CA GLY A 132 -1.54 32.80 -14.36
C GLY A 132 -2.84 32.75 -13.62
N LEU A 133 -2.88 31.98 -12.56
CA LEU A 133 -4.06 31.84 -11.75
C LEU A 133 -4.13 32.96 -10.72
N THR A 134 -5.30 33.57 -10.61
CA THR A 134 -5.58 34.56 -9.58
C THR A 134 -6.98 34.20 -9.04
N GLY A 135 -7.47 34.92 -8.07
CA GLY A 135 -8.82 34.70 -7.55
C GLY A 135 -8.92 34.24 -6.11
N THR A 136 -10.14 34.18 -5.62
CA THR A 136 -10.47 33.76 -4.27
C THR A 136 -10.81 32.23 -4.17
N ALA A 137 -10.80 31.49 -5.30
CA ALA A 137 -11.13 30.07 -5.28
C ALA A 137 -9.89 29.16 -5.30
N GLY A 138 -8.92 29.50 -4.45
CA GLY A 138 -7.68 28.78 -4.23
C GLY A 138 -6.42 29.43 -4.77
N LYS A 139 -5.30 29.26 -4.06
CA LYS A 139 -4.00 29.80 -4.50
C LYS A 139 -3.21 28.77 -5.33
N ILE A 140 -3.72 27.52 -5.45
CA ILE A 140 -3.16 26.46 -6.30
C ILE A 140 -4.30 26.13 -7.25
N SER A 141 -4.00 25.86 -8.53
CA SER A 141 -5.06 25.56 -9.50
C SER A 141 -5.78 24.24 -9.22
N SER A 142 -7.12 24.28 -9.14
CA SER A 142 -7.86 23.03 -8.97
C SER A 142 -7.86 22.21 -10.27
N ILE A 143 -7.64 22.85 -11.45
CA ILE A 143 -7.44 22.09 -12.68
C ILE A 143 -5.93 21.76 -12.67
N SER A 144 -5.61 20.50 -12.71
CA SER A 144 -4.24 20.00 -12.64
C SER A 144 -3.31 20.53 -13.76
N GLN A 145 -2.15 20.98 -13.34
CA GLN A 145 -1.11 21.52 -14.18
C GLN A 145 0.12 20.61 -14.19
N PRO A 146 0.73 20.39 -15.36
CA PRO A 146 0.32 20.89 -16.67
C PRO A 146 -0.99 20.19 -17.05
N GLY A 147 -1.82 20.89 -17.80
CA GLY A 147 -3.12 20.41 -18.23
C GLY A 147 -3.16 18.99 -18.76
N ASN A 148 -4.23 18.27 -18.45
CA ASN A 148 -4.42 16.92 -18.92
C ASN A 148 -5.28 16.93 -20.18
N ASP A 149 -5.34 15.78 -20.85
CA ASP A 149 -6.24 15.57 -21.98
C ASP A 149 -7.63 15.55 -21.39
N PHE A 150 -8.65 15.68 -22.25
CA PHE A 150 -10.04 15.62 -21.81
C PHE A 150 -10.45 14.14 -21.76
N SER A 151 -11.33 13.78 -20.83
CA SER A 151 -11.77 12.40 -20.73
C SER A 151 -13.26 12.33 -20.56
N THR A 152 -13.88 11.34 -21.24
CA THR A 152 -15.32 11.06 -21.16
C THR A 152 -15.48 9.58 -20.84
N LYS A 153 -16.69 9.12 -20.50
CA LYS A 153 -16.98 7.71 -20.17
C LYS A 153 -16.53 6.73 -21.28
N ASP A 154 -16.48 7.20 -22.53
CA ASP A 154 -16.06 6.42 -23.69
C ASP A 154 -14.72 6.93 -24.23
N GLY A 155 -13.93 7.56 -23.37
CA GLY A 155 -12.64 8.11 -23.76
C GLY A 155 -11.69 8.35 -22.61
N ASP A 156 -10.99 7.27 -22.16
CA ASP A 156 -10.04 7.32 -21.07
C ASP A 156 -8.71 7.91 -21.54
N ASN A 157 -8.49 9.19 -21.24
CA ASN A 157 -7.23 9.89 -21.60
C ASN A 157 -6.58 10.45 -20.37
N ASP A 158 -7.04 10.02 -19.17
CA ASP A 158 -6.49 10.47 -17.89
C ASP A 158 -5.14 9.78 -17.56
N LYS A 159 -4.56 10.09 -16.41
CA LYS A 159 -3.29 9.51 -15.99
C LYS A 159 -3.49 8.40 -14.98
N CYS A 160 -4.76 8.04 -14.75
CA CYS A 160 -5.18 7.04 -13.79
C CYS A 160 -5.27 5.66 -14.44
N ILE A 161 -4.92 4.62 -13.69
CA ILE A 161 -5.10 3.24 -14.15
C ILE A 161 -6.66 2.99 -14.18
N CYS A 162 -7.44 3.69 -13.32
CA CYS A 162 -8.91 3.68 -13.34
C CYS A 162 -9.42 4.55 -14.53
N LYS A 163 -10.76 4.59 -14.72
CA LYS A 163 -11.40 5.45 -15.71
C LYS A 163 -12.04 6.59 -14.89
N CYS A 164 -11.27 7.68 -14.71
CA CYS A 164 -11.69 8.86 -13.92
C CYS A 164 -13.08 9.32 -14.25
N SER A 165 -13.41 9.38 -15.56
CA SER A 165 -14.73 9.81 -16.00
C SER A 165 -15.85 8.86 -15.53
N GLN A 166 -15.54 7.57 -15.39
CA GLN A 166 -16.52 6.62 -14.93
C GLN A 166 -16.61 6.63 -13.45
N MET A 167 -15.47 6.90 -12.76
CA MET A 167 -15.48 6.96 -11.30
C MET A 167 -16.13 8.25 -10.79
N LEU A 168 -15.66 9.41 -11.30
CA LEU A 168 -16.09 10.71 -10.86
C LEU A 168 -17.29 11.25 -11.57
N THR A 169 -17.60 10.74 -12.79
CA THR A 169 -18.73 11.13 -13.67
C THR A 169 -18.48 12.44 -14.41
N GLY A 170 -18.93 12.49 -15.67
CA GLY A 170 -18.80 13.64 -16.54
C GLY A 170 -17.49 13.68 -17.31
N GLY A 171 -17.38 14.66 -18.20
CA GLY A 171 -16.17 14.87 -18.97
C GLY A 171 -15.34 15.94 -18.30
N TRP A 172 -14.00 15.75 -18.26
CA TRP A 172 -13.09 16.69 -17.59
C TRP A 172 -11.65 16.43 -17.96
N TRP A 173 -10.76 17.35 -17.58
CA TRP A 173 -9.33 17.17 -17.81
C TRP A 173 -8.78 16.49 -16.54
N PHE A 174 -9.20 15.22 -16.32
CA PHE A 174 -8.80 14.46 -15.13
C PHE A 174 -7.35 14.08 -15.17
N ASP A 175 -6.70 14.06 -13.99
CA ASP A 175 -5.31 13.67 -13.87
C ASP A 175 -5.36 12.24 -13.31
N ALA A 176 -5.25 12.10 -11.99
CA ALA A 176 -5.35 10.80 -11.34
C ALA A 176 -6.02 10.93 -9.96
N CYS A 177 -7.22 11.55 -9.84
CA CYS A 177 -8.07 12.14 -10.88
C CYS A 177 -8.03 13.67 -10.94
N GLY A 178 -7.33 14.28 -10.01
CA GLY A 178 -7.15 15.73 -9.98
C GLY A 178 -8.03 16.44 -9.00
N PRO A 179 -7.73 17.75 -8.72
CA PRO A 179 -8.47 18.47 -7.67
C PRO A 179 -9.78 19.15 -8.11
N SER A 180 -10.31 18.76 -9.27
CA SER A 180 -11.55 19.36 -9.75
C SER A 180 -12.38 18.49 -10.68
N ASN A 181 -13.67 18.82 -10.76
CA ASN A 181 -14.63 18.25 -11.70
C ASN A 181 -15.90 19.06 -11.61
N LEU A 182 -16.03 20.06 -12.45
CA LEU A 182 -17.22 20.90 -12.40
C LEU A 182 -18.34 20.25 -13.19
N ASN A 183 -18.01 19.10 -13.85
CA ASN A 183 -18.94 18.30 -14.65
C ASN A 183 -19.42 17.04 -13.93
N GLY A 184 -19.20 16.94 -12.62
CA GLY A 184 -19.64 15.82 -11.78
C GLY A 184 -21.12 15.83 -11.45
N MET A 185 -21.54 14.94 -10.54
CA MET A 185 -22.93 14.75 -10.12
C MET A 185 -23.46 15.90 -9.31
N TYR A 186 -24.65 16.38 -9.65
CA TYR A 186 -25.26 17.46 -8.90
C TYR A 186 -25.92 16.90 -7.66
N TYR A 187 -25.48 17.34 -6.48
CA TYR A 187 -26.06 16.95 -5.21
C TYR A 187 -26.78 18.13 -4.56
N PRO A 188 -28.01 17.88 -4.04
CA PRO A 188 -28.76 18.96 -3.38
C PRO A 188 -28.22 19.33 -2.01
N GLN A 189 -28.83 20.38 -1.42
CA GLN A 189 -28.59 21.06 -0.15
C GLN A 189 -28.07 20.20 1.03
N ARG A 190 -28.56 18.99 1.23
CA ARG A 190 -28.05 18.29 2.42
C ARG A 190 -27.28 16.99 2.10
N GLN A 191 -27.07 16.73 0.81
CA GLN A 191 -26.34 15.58 0.30
C GLN A 191 -25.04 16.01 -0.42
N ASN A 192 -24.57 17.26 -0.24
CA ASN A 192 -23.40 17.83 -0.94
C ASN A 192 -22.02 17.58 -0.29
N THR A 193 -21.92 16.96 0.87
CA THR A 193 -20.61 16.73 1.48
C THR A 193 -20.19 15.27 1.38
N ASN A 194 -18.86 15.03 1.39
CA ASN A 194 -18.23 13.70 1.33
C ASN A 194 -18.71 12.92 0.14
N LYS A 195 -18.70 13.54 -1.05
CA LYS A 195 -19.17 12.96 -2.31
C LYS A 195 -18.05 13.04 -3.34
N PHE A 196 -17.30 11.94 -3.50
CA PHE A 196 -16.16 11.88 -4.40
C PHE A 196 -16.50 12.25 -5.86
N ASN A 197 -17.75 11.97 -6.31
CA ASN A 197 -18.20 12.17 -7.69
C ASN A 197 -19.09 13.42 -7.86
N GLY A 198 -18.95 14.37 -6.95
CA GLY A 198 -19.69 15.62 -7.01
C GLY A 198 -19.02 16.68 -7.87
N ILE A 199 -19.53 17.93 -7.76
CA ILE A 199 -19.05 19.11 -8.48
C ILE A 199 -17.97 19.67 -7.57
N LYS A 200 -16.74 19.29 -7.89
CA LYS A 200 -15.57 19.48 -7.06
C LYS A 200 -14.64 20.59 -7.50
N TRP A 201 -14.08 21.32 -6.53
CA TRP A 201 -13.08 22.38 -6.77
C TRP A 201 -12.32 22.45 -5.46
N TYR A 202 -11.35 21.53 -5.33
CA TYR A 202 -10.63 21.25 -4.10
C TYR A 202 -10.01 22.44 -3.40
N TYR A 203 -9.27 23.30 -4.12
CA TYR A 203 -8.57 24.40 -3.45
C TYR A 203 -9.49 25.51 -2.97
N TRP A 204 -10.82 25.38 -3.14
CA TRP A 204 -11.74 26.31 -2.51
C TRP A 204 -12.47 25.57 -1.40
N LYS A 205 -13.18 24.48 -1.73
CA LYS A 205 -14.04 23.81 -0.77
C LYS A 205 -13.51 22.49 -0.17
N GLY A 206 -12.33 22.03 -0.58
CA GLY A 206 -11.73 20.81 -0.03
C GLY A 206 -12.35 19.51 -0.54
N SER A 207 -12.02 18.39 0.13
CA SER A 207 -12.42 17.03 -0.24
C SER A 207 -13.91 16.76 -0.22
N GLY A 208 -14.36 16.15 -1.31
CA GLY A 208 -15.74 15.69 -1.50
C GLY A 208 -16.87 16.67 -1.38
N TYR A 209 -16.58 17.96 -1.34
CA TYR A 209 -17.64 18.98 -1.29
C TYR A 209 -18.17 19.16 -2.72
N SER A 210 -19.48 19.07 -2.87
CA SER A 210 -20.17 19.24 -4.15
C SER A 210 -20.82 20.65 -4.19
N LEU A 211 -20.44 21.47 -5.20
CA LEU A 211 -20.91 22.86 -5.33
C LEU A 211 -22.38 23.04 -5.75
N LYS A 212 -22.92 24.24 -5.48
CA LYS A 212 -24.30 24.59 -5.80
C LYS A 212 -24.42 25.12 -7.21
N ALA A 213 -23.49 25.95 -7.64
CA ALA A 213 -23.52 26.54 -8.97
C ALA A 213 -22.10 26.75 -9.47
N THR A 214 -21.93 26.64 -10.77
CA THR A 214 -20.62 26.88 -11.38
C THR A 214 -20.89 27.57 -12.70
N THR A 215 -19.95 28.42 -13.13
CA THR A 215 -19.99 29.07 -14.44
C THR A 215 -18.55 29.16 -14.93
N MET A 216 -18.29 28.70 -16.15
CA MET A 216 -16.99 28.82 -16.79
C MET A 216 -17.19 29.76 -17.98
N MET A 217 -16.34 30.77 -18.12
CA MET A 217 -16.52 31.74 -19.19
C MET A 217 -15.23 32.25 -19.72
N ILE A 218 -15.23 32.65 -21.01
CA ILE A 218 -14.03 33.14 -21.67
C ILE A 218 -14.25 34.49 -22.35
N ARG A 219 -13.16 35.24 -22.50
CA ARG A 219 -13.13 36.56 -23.11
C ARG A 219 -11.71 36.80 -23.60
N PRO A 220 -11.53 37.48 -24.77
CA PRO A 220 -10.16 37.76 -25.23
C PRO A 220 -9.39 38.54 -24.17
N ALA A 221 -8.10 38.24 -24.01
CA ALA A 221 -7.24 38.91 -23.02
C ALA A 221 -7.08 40.42 -23.28
N ASP A 222 -7.26 40.86 -24.54
CA ASP A 222 -7.16 42.26 -24.95
C ASP A 222 -8.53 43.01 -24.89
N PHE A 223 -9.54 42.43 -24.22
CA PHE A 223 -10.86 43.08 -24.12
C PHE A 223 -10.76 44.17 -23.10
N GLY A 224 -11.14 45.39 -23.49
CA GLY A 224 -11.10 46.58 -22.64
C GLY A 224 -9.82 47.37 -22.78
N GLU B 1 -17.43 -18.01 -1.00
CA GLU B 1 -16.34 -17.24 -0.41
C GLU B 1 -15.26 -16.92 -1.46
N VAL B 2 -14.76 -15.69 -1.46
CA VAL B 2 -13.75 -15.26 -2.38
C VAL B 2 -12.41 -15.82 -1.91
N GLN B 3 -11.64 -16.40 -2.82
CA GLN B 3 -10.31 -16.96 -2.54
C GLN B 3 -9.36 -16.74 -3.71
N LEU B 4 -8.07 -16.61 -3.38
CA LEU B 4 -6.98 -16.52 -4.34
C LEU B 4 -5.94 -17.48 -3.85
N VAL B 5 -5.51 -18.38 -4.73
CA VAL B 5 -4.53 -19.41 -4.37
C VAL B 5 -3.34 -19.30 -5.30
N GLU B 6 -2.20 -18.88 -4.72
CA GLU B 6 -0.98 -18.81 -5.49
C GLU B 6 -0.22 -20.14 -5.42
N SER B 7 0.48 -20.47 -6.50
CA SER B 7 1.32 -21.67 -6.62
C SER B 7 2.46 -21.39 -7.60
N GLY B 8 3.45 -22.27 -7.62
CA GLY B 8 4.61 -22.18 -8.50
C GLY B 8 5.88 -21.63 -7.88
N GLY B 9 5.91 -21.43 -6.56
CA GLY B 9 7.09 -20.93 -5.87
C GLY B 9 8.23 -21.94 -5.79
N GLY B 10 9.22 -21.65 -4.95
CA GLY B 10 10.36 -22.52 -4.77
C GLY B 10 11.71 -21.87 -4.98
N LEU B 11 12.73 -22.69 -5.17
CA LEU B 11 14.11 -22.29 -5.35
C LEU B 11 14.50 -22.31 -6.80
N VAL B 12 15.17 -21.23 -7.23
CA VAL B 12 15.71 -21.01 -8.58
C VAL B 12 17.08 -20.42 -8.42
N GLN B 13 17.93 -20.60 -9.44
N GLN B 13 17.94 -20.62 -9.44
CA GLN B 13 19.30 -20.07 -9.46
CA GLN B 13 19.30 -20.06 -9.48
C GLN B 13 19.27 -18.66 -10.10
C GLN B 13 19.26 -18.65 -10.09
N PRO B 14 20.20 -17.73 -9.71
CA PRO B 14 20.20 -16.39 -10.34
C PRO B 14 20.27 -16.50 -11.86
N GLY B 15 19.47 -15.71 -12.54
CA GLY B 15 19.34 -15.74 -13.99
C GLY B 15 18.25 -16.68 -14.46
N GLY B 16 17.76 -17.52 -13.54
CA GLY B 16 16.69 -18.47 -13.84
C GLY B 16 15.29 -17.85 -13.98
N SER B 17 14.31 -18.69 -14.30
CA SER B 17 12.94 -18.26 -14.50
C SER B 17 11.94 -19.14 -13.73
N LEU B 18 10.78 -18.54 -13.41
CA LEU B 18 9.74 -19.20 -12.62
C LEU B 18 8.40 -18.54 -12.93
N ARG B 19 7.34 -19.35 -13.07
CA ARG B 19 5.99 -18.84 -13.31
C ARG B 19 5.15 -19.05 -12.05
N LEU B 20 4.52 -17.98 -11.57
CA LEU B 20 3.61 -18.08 -10.42
C LEU B 20 2.23 -18.04 -10.97
N SER B 21 1.32 -18.79 -10.35
CA SER B 21 -0.09 -18.80 -10.73
C SER B 21 -0.94 -18.29 -9.59
N CYS B 22 -2.06 -17.63 -9.92
CA CYS B 22 -3.03 -17.09 -8.97
C CYS B 22 -4.39 -17.54 -9.44
N ALA B 23 -4.88 -18.61 -8.84
CA ALA B 23 -6.16 -19.23 -9.18
C ALA B 23 -7.32 -18.54 -8.36
N ALA B 24 -8.24 -17.88 -9.04
CA ALA B 24 -9.36 -17.24 -8.36
C ALA B 24 -10.50 -18.25 -8.15
N SER B 25 -11.26 -18.14 -7.02
CA SER B 25 -12.53 -18.85 -6.84
C SER B 25 -13.53 -17.94 -6.10
N GLY B 26 -14.80 -18.12 -6.36
CA GLY B 26 -15.81 -17.28 -5.73
C GLY B 26 -15.99 -15.97 -6.46
N PHE B 27 -15.28 -15.78 -7.60
CA PHE B 27 -15.39 -14.57 -8.43
C PHE B 27 -14.78 -14.75 -9.84
N THR B 28 -15.05 -13.79 -10.74
CA THR B 28 -14.56 -13.77 -12.13
C THR B 28 -13.47 -12.71 -12.18
N ILE B 29 -12.26 -13.09 -12.62
CA ILE B 29 -11.11 -12.13 -12.65
C ILE B 29 -11.33 -10.92 -13.58
N SER B 30 -12.12 -11.06 -14.63
CA SER B 30 -12.43 -9.96 -15.57
C SER B 30 -13.27 -8.86 -14.93
N ASP B 31 -13.91 -9.15 -13.76
CA ASP B 31 -14.69 -8.10 -13.09
C ASP B 31 -13.80 -7.29 -12.17
N TYR B 32 -12.50 -7.60 -12.12
CA TYR B 32 -11.58 -6.94 -11.18
C TYR B 32 -10.24 -6.71 -11.82
N TRP B 33 -9.24 -6.26 -11.03
CA TRP B 33 -7.87 -6.23 -11.45
C TRP B 33 -7.15 -7.23 -10.56
N ILE B 34 -6.10 -7.87 -11.07
CA ILE B 34 -5.27 -8.77 -10.25
C ILE B 34 -3.88 -8.15 -10.15
N HIS B 35 -3.41 -7.96 -8.91
CA HIS B 35 -2.15 -7.34 -8.65
C HIS B 35 -1.28 -8.30 -7.88
N TRP B 36 0.05 -8.20 -8.06
CA TRP B 36 1.03 -9.00 -7.36
C TRP B 36 1.83 -8.05 -6.51
N VAL B 37 2.09 -8.46 -5.28
CA VAL B 37 2.78 -7.67 -4.27
C VAL B 37 3.80 -8.64 -3.62
N ARG B 38 4.94 -8.16 -3.17
CA ARG B 38 5.88 -9.10 -2.55
C ARG B 38 6.49 -8.54 -1.28
N GLN B 39 7.03 -9.43 -0.44
CA GLN B 39 7.72 -9.01 0.77
C GLN B 39 9.01 -9.79 0.93
N ALA B 40 10.14 -9.13 0.64
CA ALA B 40 11.50 -9.67 0.78
C ALA B 40 11.88 -9.71 2.27
N PRO B 41 12.65 -10.74 2.72
CA PRO B 41 12.99 -10.82 4.15
C PRO B 41 13.53 -9.52 4.76
N GLY B 42 12.91 -9.11 5.86
CA GLY B 42 13.27 -7.89 6.58
C GLY B 42 13.11 -6.59 5.80
N LYS B 43 12.29 -6.58 4.73
CA LYS B 43 12.06 -5.36 3.94
C LYS B 43 10.56 -5.02 3.93
N GLY B 44 10.22 -3.85 3.42
CA GLY B 44 8.82 -3.44 3.33
C GLY B 44 8.07 -4.09 2.17
N LEU B 45 6.72 -4.05 2.25
CA LEU B 45 5.83 -4.56 1.21
C LEU B 45 6.18 -3.86 -0.09
N GLU B 46 6.24 -4.59 -1.19
CA GLU B 46 6.55 -3.96 -2.47
C GLU B 46 5.53 -4.31 -3.54
N TRP B 47 4.88 -3.30 -4.13
CA TRP B 47 3.97 -3.52 -5.26
C TRP B 47 4.85 -3.95 -6.47
N VAL B 48 4.47 -5.03 -7.17
CA VAL B 48 5.23 -5.66 -8.25
C VAL B 48 4.64 -5.38 -9.63
N ALA B 49 3.39 -5.78 -9.83
CA ALA B 49 2.68 -5.67 -11.12
C ALA B 49 1.16 -5.72 -10.92
N GLY B 50 0.43 -5.28 -11.92
CA GLY B 50 -1.01 -5.27 -11.96
C GLY B 50 -1.50 -5.56 -13.35
N ILE B 51 -2.64 -6.28 -13.46
CA ILE B 51 -3.31 -6.60 -14.73
C ILE B 51 -4.81 -6.35 -14.64
N THR B 52 -5.37 -5.81 -15.74
CA THR B 52 -6.79 -5.60 -15.99
C THR B 52 -7.15 -6.78 -16.90
N PRO B 53 -7.69 -7.90 -16.39
CA PRO B 53 -7.93 -9.07 -17.28
C PRO B 53 -8.89 -8.82 -18.45
N ALA B 54 -9.79 -7.83 -18.30
CA ALA B 54 -10.73 -7.36 -19.32
C ALA B 54 -9.97 -6.28 -20.12
N GLY B 55 -9.18 -6.75 -21.07
CA GLY B 55 -8.36 -5.84 -21.88
C GLY B 55 -6.92 -6.28 -21.96
N GLY B 56 -6.39 -6.77 -20.84
CA GLY B 56 -5.02 -7.25 -20.73
C GLY B 56 -4.02 -6.14 -20.44
N TYR B 57 -4.49 -4.92 -20.04
CA TYR B 57 -3.59 -3.81 -19.71
C TYR B 57 -2.74 -4.17 -18.52
N THR B 58 -1.42 -3.95 -18.66
CA THR B 58 -0.41 -4.29 -17.64
C THR B 58 0.38 -3.08 -17.15
N TYR B 59 0.84 -3.17 -15.89
CA TYR B 59 1.51 -2.14 -15.14
C TYR B 59 2.58 -2.84 -14.31
N TYR B 60 3.75 -2.22 -14.19
CA TYR B 60 4.87 -2.84 -13.49
C TYR B 60 5.64 -1.88 -12.65
N ALA B 61 6.26 -2.39 -11.57
CA ALA B 61 7.18 -1.62 -10.74
C ALA B 61 8.49 -1.54 -11.59
N ASP B 62 9.27 -0.44 -11.44
CA ASP B 62 10.52 -0.26 -12.19
C ASP B 62 11.50 -1.37 -11.87
N SER B 63 11.50 -1.85 -10.62
CA SER B 63 12.40 -2.87 -10.11
C SER B 63 12.31 -4.20 -10.83
N VAL B 64 11.21 -4.43 -11.58
CA VAL B 64 10.94 -5.70 -12.27
C VAL B 64 10.67 -5.52 -13.75
N LYS B 65 10.50 -4.29 -14.26
CA LYS B 65 10.25 -4.03 -15.69
C LYS B 65 11.34 -4.67 -16.58
N GLY B 66 10.91 -5.29 -17.69
CA GLY B 66 11.80 -5.95 -18.62
C GLY B 66 12.11 -7.41 -18.27
N ARG B 67 11.86 -7.82 -17.00
CA ARG B 67 12.12 -9.18 -16.53
C ARG B 67 10.83 -9.97 -16.18
N PHE B 68 9.79 -9.29 -15.64
CA PHE B 68 8.57 -9.96 -15.22
C PHE B 68 7.44 -9.69 -16.18
N THR B 69 6.59 -10.70 -16.46
CA THR B 69 5.41 -10.50 -17.28
C THR B 69 4.15 -10.92 -16.51
N ILE B 70 3.20 -10.01 -16.39
CA ILE B 70 1.94 -10.33 -15.72
C ILE B 70 0.97 -10.62 -16.83
N SER B 71 0.21 -11.71 -16.70
CA SER B 71 -0.79 -12.07 -17.69
C SER B 71 -1.97 -12.75 -17.02
N ALA B 72 -2.98 -13.07 -17.80
CA ALA B 72 -4.17 -13.71 -17.27
C ALA B 72 -4.88 -14.47 -18.35
N ASP B 73 -5.44 -15.59 -17.97
CA ASP B 73 -6.27 -16.42 -18.81
C ASP B 73 -7.71 -16.38 -18.19
N THR B 74 -8.61 -15.61 -18.80
CA THR B 74 -9.98 -15.47 -18.31
C THR B 74 -10.79 -16.79 -18.38
N SER B 75 -10.45 -17.71 -19.29
CA SER B 75 -11.10 -19.01 -19.40
C SER B 75 -10.77 -19.88 -18.22
N LYS B 76 -9.50 -19.83 -17.74
CA LYS B 76 -9.03 -20.59 -16.59
C LYS B 76 -9.26 -19.83 -15.30
N ASN B 77 -9.76 -18.56 -15.40
CA ASN B 77 -10.00 -17.66 -14.25
C ASN B 77 -8.74 -17.57 -13.36
N THR B 78 -7.56 -17.47 -14.02
CA THR B 78 -6.25 -17.50 -13.36
C THR B 78 -5.36 -16.41 -13.95
N ALA B 79 -4.59 -15.74 -13.08
CA ALA B 79 -3.59 -14.76 -13.47
C ALA B 79 -2.20 -15.37 -13.20
N TYR B 80 -1.17 -14.84 -13.86
CA TYR B 80 0.19 -15.37 -13.79
C TYR B 80 1.22 -14.28 -13.69
N LEU B 81 2.36 -14.62 -13.08
CA LEU B 81 3.52 -13.75 -13.04
C LEU B 81 4.71 -14.56 -13.55
N GLN B 82 5.12 -14.31 -14.80
CA GLN B 82 6.25 -14.97 -15.45
C GLN B 82 7.48 -14.20 -15.00
N MET B 83 8.33 -14.81 -14.19
CA MET B 83 9.52 -14.13 -13.69
C MET B 83 10.79 -14.65 -14.37
N ASN B 84 11.44 -13.81 -15.18
CA ASN B 84 12.70 -14.18 -15.89
C ASN B 84 13.86 -13.37 -15.36
N SER B 85 15.12 -13.77 -15.71
CA SER B 85 16.36 -13.09 -15.26
C SER B 85 16.29 -12.78 -13.75
N LEU B 86 15.88 -13.77 -12.95
CA LEU B 86 15.73 -13.60 -11.51
C LEU B 86 17.05 -13.25 -10.81
N ARG B 87 16.98 -12.40 -9.79
CA ARG B 87 18.10 -11.89 -9.01
C ARG B 87 17.89 -12.29 -7.59
N ALA B 88 18.98 -12.29 -6.77
CA ALA B 88 18.94 -12.60 -5.35
C ALA B 88 17.89 -11.76 -4.62
N GLU B 89 17.82 -10.43 -4.88
CA GLU B 89 16.88 -9.55 -4.20
C GLU B 89 15.38 -9.76 -4.62
N ASP B 90 15.12 -10.68 -5.57
CA ASP B 90 13.75 -11.06 -5.94
C ASP B 90 13.23 -12.08 -4.94
N THR B 91 14.11 -12.61 -4.08
CA THR B 91 13.74 -13.57 -3.03
C THR B 91 12.70 -12.89 -2.11
N ALA B 92 11.49 -13.48 -2.02
CA ALA B 92 10.40 -12.89 -1.25
C ALA B 92 9.20 -13.81 -1.21
N VAL B 93 8.22 -13.52 -0.33
CA VAL B 93 6.91 -14.16 -0.32
C VAL B 93 6.09 -13.30 -1.31
N TYR B 94 5.61 -13.90 -2.40
CA TYR B 94 4.81 -13.24 -3.44
C TYR B 94 3.33 -13.47 -3.17
N TYR B 95 2.55 -12.39 -3.06
CA TYR B 95 1.11 -12.46 -2.87
C TYR B 95 0.37 -11.92 -4.06
N CYS B 96 -0.66 -12.62 -4.49
CA CYS B 96 -1.53 -12.01 -5.48
C CYS B 96 -2.75 -11.49 -4.68
N ALA B 97 -3.44 -10.51 -5.25
CA ALA B 97 -4.54 -9.87 -4.56
C ALA B 97 -5.55 -9.41 -5.56
N ARG B 98 -6.81 -9.36 -5.11
CA ARG B 98 -7.90 -8.86 -5.92
C ARG B 98 -7.99 -7.37 -5.70
N PHE B 99 -7.91 -6.60 -6.79
CA PHE B 99 -8.06 -5.15 -6.72
C PHE B 99 -9.44 -4.82 -7.24
N VAL B 100 -10.30 -4.29 -6.35
CA VAL B 100 -11.65 -3.83 -6.71
C VAL B 100 -11.55 -2.45 -7.33
N PHE B 101 -12.00 -2.29 -8.58
CA PHE B 101 -11.87 -1.00 -9.25
C PHE B 101 -13.14 -0.12 -9.09
N PHE B 102 -14.20 -0.65 -8.50
CA PHE B 102 -15.31 0.20 -8.14
C PHE B 102 -15.06 0.33 -6.64
N LEU B 103 -15.85 1.13 -5.93
CA LEU B 103 -15.71 1.28 -4.49
C LEU B 103 -15.76 -0.12 -3.87
N PRO B 104 -14.90 -0.54 -2.94
CA PRO B 104 -13.90 0.20 -2.14
C PRO B 104 -12.62 0.71 -2.83
N TYR B 105 -12.31 0.36 -4.10
CA TYR B 105 -11.09 0.73 -4.87
C TYR B 105 -9.81 0.45 -4.06
N ALA B 106 -9.57 -0.81 -3.72
CA ALA B 106 -8.42 -1.35 -2.94
C ALA B 106 -8.41 -2.86 -3.03
N MET B 107 -7.41 -3.51 -2.43
CA MET B 107 -7.18 -4.97 -2.40
C MET B 107 -7.88 -5.49 -1.19
N ASP B 108 -9.04 -6.11 -1.42
CA ASP B 108 -9.88 -6.66 -0.34
C ASP B 108 -9.55 -8.11 -0.01
N TYR B 109 -9.15 -8.90 -1.01
CA TYR B 109 -8.79 -10.29 -0.78
C TYR B 109 -7.41 -10.56 -1.34
N TRP B 110 -6.65 -11.36 -0.61
CA TRP B 110 -5.27 -11.71 -0.88
C TRP B 110 -5.12 -13.19 -0.83
N GLY B 111 -4.08 -13.69 -1.51
CA GLY B 111 -3.75 -15.10 -1.38
C GLY B 111 -2.91 -15.32 -0.12
N GLN B 112 -2.50 -16.54 0.13
CA GLN B 112 -1.70 -16.89 1.29
C GLN B 112 -0.20 -16.51 1.15
N GLY B 113 0.26 -16.31 -0.08
CA GLY B 113 1.65 -16.02 -0.38
C GLY B 113 2.40 -17.26 -0.84
N THR B 114 3.39 -17.08 -1.71
CA THR B 114 4.21 -18.18 -2.18
C THR B 114 5.66 -17.74 -2.11
N LEU B 115 6.50 -18.57 -1.45
CA LEU B 115 7.92 -18.24 -1.25
C LEU B 115 8.75 -18.53 -2.48
N VAL B 116 9.51 -17.53 -2.92
CA VAL B 116 10.44 -17.65 -4.06
C VAL B 116 11.84 -17.38 -3.52
N THR B 117 12.77 -18.31 -3.69
CA THR B 117 14.16 -18.17 -3.24
C THR B 117 15.06 -18.18 -4.45
N VAL B 118 15.86 -17.14 -4.61
CA VAL B 118 16.79 -17.02 -5.74
C VAL B 118 18.19 -17.15 -5.16
N SER B 119 18.77 -18.35 -5.33
CA SER B 119 20.08 -18.72 -4.79
C SER B 119 20.70 -19.88 -5.57
N SER B 120 22.05 -19.92 -5.60
CA SER B 120 22.87 -20.97 -6.21
C SER B 120 23.10 -22.15 -5.25
N ALA B 121 22.72 -21.97 -3.99
CA ALA B 121 22.86 -23.01 -2.98
C ALA B 121 21.89 -24.17 -3.26
N SER B 122 22.35 -25.40 -2.92
CA SER B 122 21.57 -26.62 -3.10
C SER B 122 20.57 -26.81 -1.99
N THR B 123 19.51 -27.56 -2.27
CA THR B 123 18.53 -27.92 -1.26
C THR B 123 19.22 -28.87 -0.27
N LYS B 124 19.00 -28.66 1.04
CA LYS B 124 19.57 -29.50 2.08
C LYS B 124 18.58 -29.62 3.22
N GLY B 125 18.33 -30.86 3.65
CA GLY B 125 17.45 -31.16 4.77
C GLY B 125 18.11 -30.80 6.09
N PRO B 126 17.32 -30.49 7.14
CA PRO B 126 17.96 -30.14 8.42
C PRO B 126 18.45 -31.33 9.24
N SER B 127 19.31 -31.05 10.23
CA SER B 127 19.78 -32.01 11.21
C SER B 127 19.09 -31.56 12.49
N VAL B 128 18.39 -32.46 13.19
CA VAL B 128 17.67 -32.10 14.40
C VAL B 128 18.41 -32.62 15.64
N PHE B 129 18.83 -31.69 16.53
CA PHE B 129 19.53 -31.99 17.79
C PHE B 129 18.69 -31.58 19.00
N PRO B 130 18.74 -32.30 20.15
CA PRO B 130 17.88 -31.89 21.27
C PRO B 130 18.50 -30.82 22.16
N LEU B 131 17.65 -29.93 22.67
CA LEU B 131 18.04 -28.91 23.65
C LEU B 131 17.42 -29.49 24.91
N ALA B 132 18.23 -30.31 25.60
CA ALA B 132 17.85 -31.07 26.81
C ALA B 132 17.59 -30.19 28.02
N PRO B 133 16.55 -30.50 28.83
CA PRO B 133 16.24 -29.67 30.02
C PRO B 133 17.38 -29.55 31.05
N SER B 134 17.35 -28.44 31.83
CA SER B 134 18.32 -28.11 32.88
C SER B 134 18.09 -28.91 34.20
N SER B 135 18.90 -28.61 35.26
CA SER B 135 18.86 -29.24 36.59
C SER B 135 17.52 -28.99 37.30
N GLY B 140 11.82 -27.82 39.99
CA GLY B 140 12.08 -26.38 40.09
C GLY B 140 11.08 -25.52 39.34
N GLY B 141 9.80 -25.69 39.66
CA GLY B 141 8.70 -24.96 39.04
C GLY B 141 8.46 -25.32 37.59
N THR B 142 9.19 -24.65 36.68
CA THR B 142 9.09 -24.84 35.22
C THR B 142 10.46 -25.12 34.59
N ALA B 143 10.47 -25.89 33.49
CA ALA B 143 11.69 -26.21 32.76
C ALA B 143 11.58 -25.84 31.28
N ALA B 144 12.71 -25.59 30.64
CA ALA B 144 12.79 -25.25 29.24
C ALA B 144 13.56 -26.31 28.47
N LEU B 145 13.01 -26.66 27.31
CA LEU B 145 13.58 -27.65 26.41
C LEU B 145 13.24 -27.26 24.99
N GLY B 146 14.00 -27.77 24.05
CA GLY B 146 13.75 -27.47 22.66
C GLY B 146 14.49 -28.34 21.68
N CYS B 147 14.50 -27.90 20.42
CA CYS B 147 15.17 -28.60 19.34
C CYS B 147 15.89 -27.67 18.43
N LEU B 148 17.14 -28.04 18.13
CA LEU B 148 17.99 -27.29 17.24
C LEU B 148 17.86 -27.87 15.82
N VAL B 149 17.25 -27.08 14.91
CA VAL B 149 17.02 -27.43 13.50
C VAL B 149 18.14 -26.75 12.75
N LYS B 150 19.22 -27.48 12.52
CA LYS B 150 20.43 -26.91 11.95
C LYS B 150 20.76 -27.37 10.54
N ASP B 151 21.39 -26.45 9.79
CA ASP B 151 21.94 -26.62 8.45
C ASP B 151 20.94 -27.09 7.41
N TYR B 152 19.97 -26.22 7.09
CA TYR B 152 18.97 -26.50 6.07
C TYR B 152 18.90 -25.38 5.06
N PHE B 153 18.38 -25.71 3.87
CA PHE B 153 18.21 -24.77 2.78
C PHE B 153 17.22 -25.33 1.74
N PRO B 154 16.31 -24.48 1.19
CA PRO B 154 16.06 -23.07 1.54
C PRO B 154 15.05 -23.06 2.68
N GLU B 155 14.42 -21.91 2.96
CA GLU B 155 13.32 -21.83 3.93
C GLU B 155 12.10 -22.39 3.19
N PRO B 156 11.00 -22.79 3.86
CA PRO B 156 10.73 -22.84 5.31
C PRO B 156 10.89 -24.22 5.95
N VAL B 157 10.77 -24.24 7.28
CA VAL B 157 10.74 -25.40 8.14
C VAL B 157 9.57 -25.12 9.05
N THR B 158 8.76 -26.14 9.38
CA THR B 158 7.70 -25.98 10.36
C THR B 158 8.06 -26.90 11.51
N VAL B 159 7.74 -26.47 12.74
CA VAL B 159 8.00 -27.26 13.93
C VAL B 159 6.73 -27.26 14.77
N SER B 160 6.31 -28.45 15.22
CA SER B 160 5.16 -28.60 16.10
C SER B 160 5.65 -29.42 17.29
N TRP B 161 4.89 -29.42 18.37
CA TRP B 161 5.27 -30.19 19.56
C TRP B 161 4.16 -31.14 19.90
N ASN B 162 4.48 -32.46 19.97
CA ASN B 162 3.53 -33.55 20.23
C ASN B 162 2.40 -33.53 19.19
N SER B 163 2.78 -33.36 17.90
CA SER B 163 1.89 -33.35 16.73
C SER B 163 0.75 -32.31 16.80
N GLY B 164 1.00 -31.21 17.53
CA GLY B 164 0.06 -30.11 17.67
C GLY B 164 -0.67 -30.09 19.01
N ALA B 165 -0.45 -31.11 19.85
CA ALA B 165 -1.09 -31.18 21.18
C ALA B 165 -0.45 -30.17 22.14
N LEU B 166 0.85 -29.87 21.92
CA LEU B 166 1.56 -28.90 22.74
C LEU B 166 1.78 -27.59 21.97
N THR B 167 0.96 -26.58 22.33
CA THR B 167 0.99 -25.24 21.73
C THR B 167 1.41 -24.16 22.73
N SER B 168 0.94 -24.25 24.00
CA SER B 168 1.24 -23.23 25.00
C SER B 168 2.72 -23.21 25.38
N GLY B 169 3.29 -22.00 25.37
CA GLY B 169 4.68 -21.75 25.69
C GLY B 169 5.67 -22.16 24.62
N VAL B 170 5.19 -22.40 23.39
CA VAL B 170 6.07 -22.79 22.29
C VAL B 170 6.63 -21.52 21.63
N HIS B 171 7.96 -21.47 21.47
CA HIS B 171 8.62 -20.40 20.75
C HIS B 171 9.52 -21.01 19.68
N THR B 172 9.12 -20.88 18.42
CA THR B 172 9.88 -21.33 17.27
C THR B 172 10.53 -20.06 16.74
N PHE B 173 11.85 -20.03 16.76
CA PHE B 173 12.56 -18.82 16.42
C PHE B 173 12.71 -18.59 14.93
N PRO B 174 12.54 -17.32 14.47
CA PRO B 174 12.84 -17.01 13.07
C PRO B 174 14.21 -17.56 12.68
N ALA B 175 14.33 -18.16 11.50
CA ALA B 175 15.61 -18.72 11.01
C ALA B 175 16.64 -17.64 10.81
N VAL B 176 17.91 -17.99 11.01
CA VAL B 176 19.06 -17.08 10.79
C VAL B 176 19.98 -17.75 9.77
N LEU B 177 20.45 -17.00 8.77
CA LEU B 177 21.37 -17.56 7.79
C LEU B 177 22.77 -17.56 8.39
N GLN B 178 23.35 -18.77 8.55
CA GLN B 178 24.68 -18.95 9.12
C GLN B 178 25.77 -18.59 8.10
N SER B 179 27.04 -18.52 8.58
CA SER B 179 28.24 -18.21 7.79
C SER B 179 28.39 -19.15 6.59
N SER B 180 27.97 -20.41 6.77
CA SER B 180 28.00 -21.48 5.77
C SER B 180 27.00 -21.29 4.61
N GLY B 181 26.08 -20.34 4.74
CA GLY B 181 25.03 -20.10 3.76
C GLY B 181 23.78 -20.95 3.97
N LEU B 182 23.75 -21.71 5.08
CA LEU B 182 22.64 -22.58 5.48
C LEU B 182 21.92 -22.01 6.69
N TYR B 183 20.60 -22.19 6.75
CA TYR B 183 19.79 -21.70 7.86
C TYR B 183 19.87 -22.59 9.08
N SER B 184 19.52 -22.03 10.24
CA SER B 184 19.41 -22.74 11.50
C SER B 184 18.41 -22.02 12.40
N LEU B 185 17.70 -22.78 13.26
CA LEU B 185 16.75 -22.23 14.24
C LEU B 185 16.55 -23.16 15.41
N SER B 186 15.92 -22.66 16.46
CA SER B 186 15.58 -23.47 17.62
C SER B 186 14.12 -23.26 17.92
N SER B 187 13.46 -24.31 18.36
CA SER B 187 12.08 -24.23 18.82
C SER B 187 12.14 -24.67 20.25
N VAL B 188 11.58 -23.87 21.16
CA VAL B 188 11.61 -24.14 22.60
C VAL B 188 10.23 -24.17 23.18
N VAL B 189 10.10 -24.83 24.33
CA VAL B 189 8.83 -24.90 25.06
C VAL B 189 9.11 -24.92 26.56
N THR B 190 8.19 -24.30 27.33
CA THR B 190 8.26 -24.30 28.79
C THR B 190 7.15 -25.16 29.31
N VAL B 191 7.52 -26.12 30.16
CA VAL B 191 6.64 -27.13 30.74
C VAL B 191 6.90 -27.27 32.24
N PRO B 192 5.94 -27.80 33.05
CA PRO B 192 6.22 -28.00 34.48
C PRO B 192 7.37 -28.99 34.68
N SER B 193 8.23 -28.75 35.69
CA SER B 193 9.35 -29.62 36.03
C SER B 193 8.85 -31.00 36.49
N SER B 194 7.61 -31.04 37.05
CA SER B 194 6.91 -32.24 37.50
C SER B 194 6.51 -33.12 36.31
N SER B 195 6.16 -32.48 35.17
CA SER B 195 5.76 -33.15 33.93
C SER B 195 6.90 -33.94 33.27
N LEU B 196 8.15 -33.70 33.68
CA LEU B 196 9.32 -34.41 33.17
C LEU B 196 9.33 -35.85 33.67
N GLY B 197 9.41 -36.80 32.73
CA GLY B 197 9.37 -38.23 33.00
C GLY B 197 8.04 -38.82 32.60
N THR B 198 6.96 -38.41 33.30
CA THR B 198 5.56 -38.82 33.06
C THR B 198 5.03 -38.38 31.68
N GLN B 199 5.49 -37.22 31.17
CA GLN B 199 5.08 -36.71 29.87
C GLN B 199 6.19 -36.73 28.85
N THR B 200 5.88 -37.25 27.65
CA THR B 200 6.85 -37.35 26.56
C THR B 200 6.82 -36.08 25.70
N TYR B 201 8.02 -35.58 25.34
CA TYR B 201 8.16 -34.38 24.55
C TYR B 201 8.89 -34.63 23.25
N ILE B 202 8.11 -34.61 22.15
CA ILE B 202 8.59 -34.83 20.78
C ILE B 202 8.28 -33.62 19.89
N CYS B 203 9.31 -33.08 19.23
CA CYS B 203 9.17 -32.01 18.26
C CYS B 203 9.10 -32.63 16.87
N ASN B 204 8.26 -32.09 16.01
CA ASN B 204 8.08 -32.60 14.65
C ASN B 204 8.54 -31.57 13.66
N VAL B 205 9.68 -31.82 13.05
CA VAL B 205 10.33 -30.96 12.09
C VAL B 205 10.02 -31.42 10.66
N ASN B 206 9.45 -30.53 9.85
CA ASN B 206 9.13 -30.80 8.46
C ASN B 206 9.81 -29.77 7.55
N HIS B 207 10.64 -30.25 6.62
CA HIS B 207 11.29 -29.40 5.64
C HIS B 207 10.83 -29.87 4.27
N LYS B 208 9.65 -29.38 3.84
CA LYS B 208 9.07 -29.71 2.55
C LYS B 208 10.06 -29.57 1.38
N PRO B 209 10.90 -28.49 1.22
CA PRO B 209 11.84 -28.45 0.06
C PRO B 209 12.78 -29.65 -0.13
N SER B 210 13.07 -30.41 0.95
CA SER B 210 13.95 -31.58 0.86
C SER B 210 13.19 -32.87 1.26
N ASN B 211 11.86 -32.78 1.43
CA ASN B 211 10.98 -33.87 1.87
C ASN B 211 11.56 -34.60 3.10
N THR B 212 11.99 -33.81 4.12
CA THR B 212 12.55 -34.31 5.36
C THR B 212 11.55 -34.14 6.48
N LYS B 213 11.23 -35.25 7.15
CA LYS B 213 10.34 -35.28 8.31
C LYS B 213 11.12 -35.93 9.44
N VAL B 214 11.37 -35.18 10.51
CA VAL B 214 12.14 -35.70 11.65
C VAL B 214 11.33 -35.50 12.91
N ASP B 215 11.21 -36.58 13.68
CA ASP B 215 10.59 -36.58 14.98
C ASP B 215 11.73 -36.80 15.97
N LYS B 216 11.75 -36.03 17.07
CA LYS B 216 12.83 -36.12 18.04
C LYS B 216 12.32 -36.00 19.45
N LYS B 217 12.64 -37.01 20.29
CA LYS B 217 12.28 -37.02 21.70
C LYS B 217 13.39 -36.33 22.50
N VAL B 218 13.02 -35.46 23.45
CA VAL B 218 13.98 -34.71 24.28
C VAL B 218 14.01 -35.26 25.73
N GLU B 219 15.23 -35.50 26.29
CA GLU B 219 15.40 -36.04 27.66
C GLU B 219 16.69 -35.55 28.35
N ASP C 1 5.50 9.06 -11.23
CA ASP C 1 5.90 8.12 -10.18
C ASP C 1 5.73 8.80 -8.85
N ILE C 2 4.55 8.64 -8.28
CA ILE C 2 4.17 9.20 -7.01
C ILE C 2 4.94 8.54 -5.85
N GLN C 3 5.49 9.36 -4.97
CA GLN C 3 6.19 8.94 -3.77
C GLN C 3 5.20 9.05 -2.60
N MET C 4 5.18 8.04 -1.73
CA MET C 4 4.35 8.01 -0.56
C MET C 4 5.31 7.99 0.60
N THR C 5 5.41 9.10 1.30
CA THR C 5 6.34 9.24 2.40
C THR C 5 5.58 9.05 3.66
N GLN C 6 5.87 7.95 4.30
CA GLN C 6 5.22 7.55 5.51
C GLN C 6 6.08 7.85 6.70
N SER C 7 5.44 8.36 7.77
CA SER C 7 6.12 8.62 9.03
C SER C 7 5.19 8.43 10.25
N PRO C 8 5.75 8.03 11.43
CA PRO C 8 7.17 7.67 11.67
C PRO C 8 7.46 6.30 11.06
N SER C 9 8.74 5.90 10.95
CA SER C 9 9.13 4.59 10.41
C SER C 9 8.77 3.48 11.39
N SER C 10 8.78 3.81 12.67
CA SER C 10 8.41 2.91 13.75
C SER C 10 7.95 3.74 14.91
N LEU C 11 7.17 3.16 15.81
CA LEU C 11 6.73 3.82 17.01
C LEU C 11 6.42 2.77 18.06
N SER C 12 6.51 3.16 19.32
CA SER C 12 6.21 2.30 20.45
C SER C 12 5.25 3.08 21.35
N ALA C 13 4.10 2.47 21.68
CA ALA C 13 3.08 3.14 22.50
C ALA C 13 2.38 2.14 23.36
N SER C 14 1.78 2.60 24.45
CA SER C 14 1.08 1.70 25.37
C SER C 14 -0.33 1.36 24.94
N VAL C 15 -0.85 0.26 25.47
CA VAL C 15 -2.23 -0.19 25.28
C VAL C 15 -3.10 0.96 25.77
N GLY C 16 -4.05 1.41 24.94
CA GLY C 16 -4.94 2.51 25.29
C GLY C 16 -4.52 3.84 24.72
N ASP C 17 -3.29 3.94 24.21
CA ASP C 17 -2.83 5.17 23.60
C ASP C 17 -3.47 5.39 22.21
N ARG C 18 -3.58 6.67 21.82
CA ARG C 18 -4.04 7.11 20.51
C ARG C 18 -2.76 7.28 19.68
N VAL C 19 -2.68 6.58 18.54
CA VAL C 19 -1.50 6.62 17.67
C VAL C 19 -1.88 7.12 16.28
N THR C 20 -1.08 8.01 15.67
CA THR C 20 -1.36 8.48 14.32
C THR C 20 -0.15 8.32 13.42
N ILE C 21 -0.38 7.73 12.24
CA ILE C 21 0.60 7.48 11.20
C ILE C 21 0.21 8.41 10.05
N THR C 22 1.21 9.07 9.47
CA THR C 22 1.00 10.02 8.39
C THR C 22 1.63 9.49 7.11
N CYS C 23 1.04 9.86 5.97
CA CYS C 23 1.52 9.54 4.66
C CYS C 23 1.36 10.75 3.78
N ARG C 24 2.47 11.20 3.21
CA ARG C 24 2.56 12.38 2.35
C ARG C 24 2.83 11.99 0.90
N ALA C 25 1.92 12.37 0.00
CA ALA C 25 2.03 12.10 -1.42
C ALA C 25 2.83 13.22 -2.07
N SER C 26 3.63 12.88 -3.11
CA SER C 26 4.42 13.88 -3.83
C SER C 26 3.52 14.71 -4.77
N GLN C 27 2.28 14.27 -5.00
CA GLN C 27 1.32 15.04 -5.83
C GLN C 27 -0.09 14.84 -5.29
N PHE C 28 -1.02 15.71 -5.67
CA PHE C 28 -2.42 15.62 -5.28
C PHE C 28 -3.00 14.22 -5.62
N LEU C 29 -3.69 13.59 -4.65
CA LEU C 29 -4.36 12.30 -4.89
C LEU C 29 -5.84 12.44 -4.66
N SER C 30 -6.65 11.84 -5.50
CA SER C 30 -8.10 11.77 -5.26
C SER C 30 -8.21 10.87 -4.01
N SER C 31 -8.92 11.34 -2.97
CA SER C 31 -9.02 10.62 -1.69
C SER C 31 -9.57 9.19 -1.82
N PHE C 32 -10.39 8.91 -2.87
CA PHE C 32 -10.97 7.59 -3.12
C PHE C 32 -9.88 6.51 -3.38
N GLY C 33 -8.70 6.94 -3.86
CA GLY C 33 -7.61 6.03 -4.22
C GLY C 33 -6.63 5.72 -3.12
N VAL C 34 -6.84 6.25 -1.90
CA VAL C 34 -5.89 6.02 -0.80
C VAL C 34 -6.39 4.98 0.20
N ALA C 35 -5.56 3.97 0.41
CA ALA C 35 -5.89 2.87 1.31
C ALA C 35 -4.77 2.61 2.31
N TRP C 36 -5.14 2.00 3.45
CA TRP C 36 -4.24 1.59 4.52
C TRP C 36 -4.37 0.09 4.71
N TYR C 37 -3.22 -0.56 4.87
CA TYR C 37 -3.13 -2.02 5.04
C TYR C 37 -2.34 -2.35 6.29
N GLN C 38 -2.68 -3.47 6.92
CA GLN C 38 -1.99 -3.92 8.12
C GLN C 38 -1.35 -5.27 7.76
N GLN C 39 -0.09 -5.46 8.15
CA GLN C 39 0.56 -6.74 7.90
C GLN C 39 1.25 -7.24 9.15
N LYS C 40 0.74 -8.33 9.69
CA LYS C 40 1.27 -9.05 10.84
C LYS C 40 2.36 -9.98 10.32
N PRO C 41 3.37 -10.37 11.13
CA PRO C 41 4.44 -11.22 10.58
C PRO C 41 3.97 -12.56 10.05
N GLY C 42 4.50 -12.92 8.88
CA GLY C 42 4.17 -14.17 8.20
C GLY C 42 2.73 -14.34 7.75
N LYS C 43 1.97 -13.23 7.68
CA LYS C 43 0.58 -13.21 7.25
C LYS C 43 0.48 -12.27 6.05
N ALA C 44 -0.54 -12.48 5.21
CA ALA C 44 -0.74 -11.60 4.07
C ALA C 44 -1.25 -10.23 4.60
N PRO C 45 -0.99 -9.11 3.90
CA PRO C 45 -1.59 -7.83 4.33
C PRO C 45 -3.12 -7.90 4.37
N LYS C 46 -3.75 -7.06 5.19
CA LYS C 46 -5.22 -6.98 5.33
C LYS C 46 -5.63 -5.53 5.10
N LEU C 47 -6.67 -5.30 4.31
CA LEU C 47 -7.19 -3.94 4.08
C LEU C 47 -7.82 -3.42 5.39
N LEU C 48 -7.44 -2.19 5.80
CA LEU C 48 -7.99 -1.54 7.00
C LEU C 48 -8.97 -0.43 6.65
N ILE C 49 -8.48 0.58 5.91
CA ILE C 49 -9.20 1.79 5.52
C ILE C 49 -9.08 1.93 4.01
N TYR C 50 -10.21 2.22 3.34
CA TYR C 50 -10.23 2.47 1.91
C TYR C 50 -10.74 3.88 1.69
N GLY C 51 -10.49 4.44 0.50
CA GLY C 51 -10.94 5.79 0.17
C GLY C 51 -10.64 6.82 1.25
N ALA C 52 -9.41 6.77 1.80
CA ALA C 52 -8.82 7.65 2.82
C ALA C 52 -9.46 7.58 4.22
N SER C 53 -10.79 7.44 4.30
CA SER C 53 -11.50 7.49 5.57
C SER C 53 -12.58 6.43 5.79
N SER C 54 -12.80 5.49 4.87
CA SER C 54 -13.83 4.48 5.11
C SER C 54 -13.29 3.22 5.77
N LEU C 55 -13.93 2.77 6.84
CA LEU C 55 -13.52 1.58 7.56
C LEU C 55 -14.00 0.34 6.82
N TYR C 56 -13.07 -0.57 6.50
CA TYR C 56 -13.42 -1.75 5.74
C TYR C 56 -14.12 -2.75 6.67
N SER C 57 -15.07 -3.53 6.12
CA SER C 57 -15.80 -4.58 6.84
C SER C 57 -14.83 -5.54 7.55
N GLY C 58 -15.09 -5.83 8.81
CA GLY C 58 -14.24 -6.73 9.57
C GLY C 58 -13.14 -6.06 10.36
N VAL C 59 -13.00 -4.73 10.21
CA VAL C 59 -11.95 -3.95 10.87
C VAL C 59 -12.54 -3.26 12.11
N PRO C 60 -11.86 -3.38 13.29
CA PRO C 60 -12.40 -2.72 14.49
C PRO C 60 -12.43 -1.22 14.28
N SER C 61 -13.47 -0.57 14.80
CA SER C 61 -13.67 0.88 14.70
C SER C 61 -12.62 1.76 15.46
N ARG C 62 -11.66 1.15 16.17
CA ARG C 62 -10.56 1.93 16.75
C ARG C 62 -9.63 2.43 15.62
N PHE C 63 -9.74 1.82 14.40
CA PHE C 63 -8.98 2.22 13.23
C PHE C 63 -9.77 3.28 12.48
N SER C 64 -9.13 4.40 12.16
CA SER C 64 -9.80 5.44 11.37
C SER C 64 -8.79 6.07 10.41
N GLY C 65 -9.30 6.75 9.42
CA GLY C 65 -8.45 7.43 8.45
C GLY C 65 -9.02 8.80 8.15
N SER C 66 -8.14 9.74 7.76
CA SER C 66 -8.53 11.09 7.36
C SER C 66 -7.51 11.72 6.45
N GLY C 67 -7.85 12.90 5.97
CA GLY C 67 -7.00 13.69 5.10
C GLY C 67 -7.48 13.65 3.68
N SER C 68 -6.80 14.44 2.85
CA SER C 68 -7.05 14.63 1.43
C SER C 68 -5.82 15.36 0.82
N GLY C 69 -5.83 15.54 -0.50
CA GLY C 69 -4.75 16.23 -1.19
C GLY C 69 -3.49 15.42 -1.20
N THR C 70 -2.51 15.80 -0.38
CA THR C 70 -1.22 15.15 -0.27
C THR C 70 -1.00 14.58 1.11
N ASP C 71 -1.87 14.92 2.08
CA ASP C 71 -1.72 14.50 3.49
C ASP C 71 -2.79 13.56 4.00
N PHE C 72 -2.40 12.30 4.27
CA PHE C 72 -3.31 11.26 4.73
C PHE C 72 -2.84 10.69 6.04
N THR C 73 -3.80 10.36 6.88
CA THR C 73 -3.56 9.86 8.23
C THR C 73 -4.36 8.59 8.54
N LEU C 74 -3.71 7.66 9.27
CA LEU C 74 -4.23 6.42 9.86
C LEU C 74 -4.11 6.68 11.38
N THR C 75 -5.22 6.48 12.09
CA THR C 75 -5.27 6.62 13.55
C THR C 75 -5.79 5.31 14.19
N ILE C 76 -5.14 4.91 15.29
CA ILE C 76 -5.57 3.80 16.14
C ILE C 76 -5.87 4.53 17.47
N SER C 77 -7.16 4.78 17.77
CA SER C 77 -7.58 5.57 18.93
C SER C 77 -7.35 4.94 20.32
N SER C 78 -7.22 3.61 20.40
N SER C 78 -7.20 3.62 20.40
CA SER C 78 -7.00 2.86 21.64
CA SER C 78 -6.97 2.88 21.64
C SER C 78 -6.15 1.64 21.29
C SER C 78 -6.15 1.65 21.30
N LEU C 79 -4.82 1.81 21.27
CA LEU C 79 -3.89 0.73 20.90
C LEU C 79 -4.07 -0.57 21.72
N GLN C 80 -4.29 -1.70 21.03
CA GLN C 80 -4.48 -3.02 21.65
C GLN C 80 -3.25 -3.86 21.44
N PRO C 81 -2.98 -4.92 22.26
CA PRO C 81 -1.75 -5.70 22.07
C PRO C 81 -1.67 -6.41 20.72
N GLU C 82 -2.83 -6.78 20.17
CA GLU C 82 -2.91 -7.46 18.88
C GLU C 82 -2.61 -6.53 17.71
N ASP C 83 -2.57 -5.20 17.96
CA ASP C 83 -2.27 -4.18 16.95
C ASP C 83 -0.78 -4.12 16.59
N PHE C 84 0.05 -4.99 17.18
CA PHE C 84 1.47 -5.11 16.83
C PHE C 84 1.53 -5.49 15.32
N ALA C 85 2.13 -4.65 14.48
CA ALA C 85 2.19 -4.90 13.02
C ALA C 85 2.85 -3.76 12.30
N THR C 86 3.11 -3.93 11.01
CA THR C 86 3.60 -2.85 10.18
C THR C 86 2.36 -2.38 9.44
N TYR C 87 2.20 -1.06 9.32
CA TYR C 87 1.06 -0.42 8.65
C TYR C 87 1.55 0.27 7.41
N TYR C 88 0.79 0.15 6.30
CA TYR C 88 1.19 0.78 5.03
C TYR C 88 0.08 1.61 4.38
N CYS C 89 0.47 2.74 3.79
CA CYS C 89 -0.47 3.47 2.94
C CYS C 89 -0.14 3.03 1.52
N GLN C 90 -1.12 3.22 0.62
CA GLN C 90 -0.95 2.96 -0.79
C GLN C 90 -1.91 3.84 -1.51
N GLN C 91 -1.51 4.26 -2.73
CA GLN C 91 -2.30 4.98 -3.68
C GLN C 91 -2.45 3.99 -4.86
N GLY C 92 -3.67 3.76 -5.31
CA GLY C 92 -3.92 2.83 -6.41
C GLY C 92 -4.34 3.55 -7.67
N LEU C 93 -3.95 4.83 -7.80
CA LEU C 93 -4.36 5.69 -8.90
C LEU C 93 -3.37 5.77 -10.06
N LEU C 94 -2.12 6.07 -9.75
CA LEU C 94 -1.15 6.34 -10.78
C LEU C 94 -0.01 5.34 -10.74
N SER C 95 0.06 4.53 -11.79
CA SER C 95 1.10 3.54 -11.96
C SER C 95 2.50 4.20 -12.02
N PRO C 96 3.54 3.64 -11.36
CA PRO C 96 3.52 2.42 -10.53
C PRO C 96 2.86 2.68 -9.17
N LEU C 97 2.14 1.69 -8.62
CA LEU C 97 1.42 1.86 -7.36
C LEU C 97 2.28 1.56 -6.14
N THR C 98 3.30 2.35 -5.91
CA THR C 98 4.24 2.11 -4.83
C THR C 98 3.63 2.49 -3.47
N PHE C 99 3.85 1.61 -2.50
CA PHE C 99 3.42 1.75 -1.11
C PHE C 99 4.35 2.71 -0.38
N GLY C 100 3.89 3.17 0.79
CA GLY C 100 4.74 3.90 1.72
C GLY C 100 5.75 2.90 2.27
N GLN C 101 6.76 3.39 2.96
CA GLN C 101 7.85 2.54 3.51
C GLN C 101 7.38 1.72 4.69
N GLY C 102 6.23 2.08 5.26
CA GLY C 102 5.63 1.35 6.36
C GLY C 102 6.00 1.88 7.72
N THR C 103 5.14 1.63 8.70
CA THR C 103 5.35 2.04 10.08
C THR C 103 5.21 0.82 10.96
N LYS C 104 6.29 0.43 11.64
CA LYS C 104 6.36 -0.71 12.57
C LYS C 104 5.80 -0.28 13.92
N VAL C 105 4.62 -0.80 14.30
CA VAL C 105 3.99 -0.46 15.56
C VAL C 105 4.36 -1.49 16.60
N GLU C 106 5.04 -1.04 17.66
CA GLU C 106 5.47 -1.85 18.79
C GLU C 106 4.62 -1.47 20.00
N ILE C 107 4.23 -2.45 20.81
CA ILE C 107 3.39 -2.22 21.97
C ILE C 107 4.26 -2.03 23.21
N LYS C 108 4.18 -0.85 23.85
CA LYS C 108 4.93 -0.54 25.07
C LYS C 108 4.17 -1.10 26.27
N ARG C 109 4.81 -1.98 27.03
CA ARG C 109 4.19 -2.59 28.21
C ARG C 109 5.14 -2.46 29.41
N THR C 110 4.68 -2.93 30.60
CA THR C 110 5.55 -2.88 31.80
C THR C 110 6.77 -3.75 31.57
N VAL C 111 7.91 -3.29 32.06
CA VAL C 111 9.18 -3.98 32.01
C VAL C 111 9.03 -5.41 32.61
N ALA C 112 9.60 -6.40 31.91
CA ALA C 112 9.55 -7.78 32.34
C ALA C 112 10.90 -8.38 32.03
N ALA C 113 11.57 -8.86 33.08
CA ALA C 113 12.89 -9.45 32.98
C ALA C 113 12.83 -10.81 32.26
N PRO C 114 13.90 -11.23 31.56
CA PRO C 114 13.86 -12.56 30.92
C PRO C 114 14.15 -13.67 31.89
N SER C 115 13.49 -14.81 31.70
CA SER C 115 13.78 -16.05 32.41
C SER C 115 14.86 -16.66 31.49
N VAL C 116 16.12 -16.72 31.96
CA VAL C 116 17.30 -17.19 31.21
C VAL C 116 17.53 -18.70 31.41
N PHE C 117 17.98 -19.39 30.34
CA PHE C 117 18.29 -20.83 30.29
C PHE C 117 19.47 -21.03 29.36
N ILE C 118 20.33 -22.02 29.67
CA ILE C 118 21.48 -22.43 28.85
C ILE C 118 21.30 -23.91 28.47
N PHE C 119 21.77 -24.26 27.28
CA PHE C 119 21.70 -25.62 26.73
C PHE C 119 23.05 -25.98 26.15
N PRO C 120 23.68 -27.04 26.70
CA PRO C 120 24.98 -27.48 26.16
C PRO C 120 24.80 -28.22 24.83
N PRO C 121 25.82 -28.31 23.96
CA PRO C 121 25.65 -29.07 22.71
C PRO C 121 25.41 -30.55 23.00
N SER C 122 24.52 -31.17 22.21
CA SER C 122 24.14 -32.59 22.30
C SER C 122 25.31 -33.50 21.87
N ASP C 123 25.33 -34.75 22.37
CA ASP C 123 26.36 -35.75 22.06
C ASP C 123 26.37 -36.07 20.56
N GLU C 124 25.15 -36.11 19.94
CA GLU C 124 24.94 -36.35 18.52
C GLU C 124 25.64 -35.30 17.68
N GLN C 125 25.41 -34.01 18.01
CA GLN C 125 26.04 -32.93 17.26
C GLN C 125 27.57 -32.96 17.40
N LEU C 126 28.06 -33.42 18.55
CA LEU C 126 29.50 -33.59 18.83
C LEU C 126 30.13 -34.63 17.89
N LYS C 127 29.36 -35.67 17.50
CA LYS C 127 29.78 -36.71 16.54
C LYS C 127 30.06 -36.07 15.17
N SER C 128 29.27 -35.02 14.81
CA SER C 128 29.37 -34.28 13.54
C SER C 128 30.54 -33.26 13.48
N GLY C 129 31.27 -33.09 14.59
CA GLY C 129 32.44 -32.21 14.65
C GLY C 129 32.20 -30.72 14.85
N THR C 130 31.00 -30.36 15.34
CA THR C 130 30.61 -28.97 15.62
C THR C 130 29.76 -28.94 16.90
N ALA C 131 30.03 -27.92 17.75
CA ALA C 131 29.32 -27.73 19.01
C ALA C 131 28.50 -26.46 18.98
N SER C 132 27.19 -26.57 19.22
CA SER C 132 26.30 -25.42 19.27
C SER C 132 25.79 -25.24 20.69
N VAL C 133 26.11 -24.10 21.31
CA VAL C 133 25.67 -23.79 22.68
C VAL C 133 24.56 -22.75 22.58
N VAL C 134 23.40 -23.02 23.19
CA VAL C 134 22.25 -22.13 23.07
C VAL C 134 21.84 -21.51 24.39
N CYS C 135 21.60 -20.20 24.37
CA CYS C 135 21.11 -19.42 25.49
C CYS C 135 19.73 -18.89 25.17
N LEU C 136 18.78 -19.16 26.06
CA LEU C 136 17.40 -18.72 25.90
C LEU C 136 17.01 -17.67 26.93
N LEU C 137 16.51 -16.53 26.43
CA LEU C 137 15.98 -15.40 27.19
C LEU C 137 14.48 -15.41 26.90
N ASN C 138 13.66 -15.77 27.88
CA ASN C 138 12.23 -15.93 27.67
C ASN C 138 11.31 -14.85 28.26
N ASN C 139 10.27 -14.50 27.48
CA ASN C 139 9.14 -13.62 27.82
C ASN C 139 9.53 -12.33 28.57
N PHE C 140 10.27 -11.47 27.87
CA PHE C 140 10.79 -10.22 28.37
C PHE C 140 10.33 -8.95 27.57
N TYR C 141 10.39 -7.79 28.24
CA TYR C 141 10.08 -6.49 27.66
C TYR C 141 10.92 -5.42 28.37
N PRO C 142 11.62 -4.49 27.67
CA PRO C 142 11.70 -4.27 26.21
C PRO C 142 12.57 -5.28 25.45
N ARG C 143 12.52 -5.25 24.10
CA ARG C 143 13.25 -6.23 23.29
C ARG C 143 14.78 -6.07 23.39
N GLU C 144 15.27 -4.87 23.77
CA GLU C 144 16.72 -4.64 23.88
C GLU C 144 17.25 -5.36 25.08
N ALA C 145 18.21 -6.26 24.81
CA ALA C 145 18.86 -7.11 25.78
C ALA C 145 20.26 -7.34 25.29
N LYS C 146 21.19 -7.51 26.23
CA LYS C 146 22.58 -7.75 25.89
C LYS C 146 22.98 -9.13 26.34
N VAL C 147 23.44 -9.93 25.38
CA VAL C 147 23.87 -11.31 25.65
C VAL C 147 25.35 -11.38 25.36
N GLN C 148 26.13 -11.77 26.35
CA GLN C 148 27.58 -11.93 26.22
C GLN C 148 28.00 -13.35 26.57
N TRP C 149 28.77 -13.95 25.66
CA TRP C 149 29.30 -15.31 25.81
C TRP C 149 30.68 -15.27 26.43
N LYS C 150 30.88 -16.06 27.51
CA LYS C 150 32.17 -16.16 28.19
C LYS C 150 32.61 -17.62 28.19
N VAL C 151 33.71 -17.91 27.50
CA VAL C 151 34.28 -19.25 27.39
C VAL C 151 35.54 -19.25 28.30
N ASP C 152 35.39 -19.80 29.52
CA ASP C 152 36.43 -19.83 30.57
C ASP C 152 36.85 -18.39 30.91
N ASN C 153 35.83 -17.57 31.23
CA ASN C 153 35.83 -16.14 31.57
C ASN C 153 36.29 -15.22 30.42
N ALA C 154 36.75 -15.78 29.28
CA ALA C 154 37.14 -14.97 28.12
C ALA C 154 35.90 -14.53 27.31
N LEU C 155 35.70 -13.21 27.16
CA LEU C 155 34.57 -12.62 26.43
C LEU C 155 34.65 -12.96 24.95
N GLN C 156 33.58 -13.57 24.42
CA GLN C 156 33.52 -14.04 23.02
C GLN C 156 33.10 -12.97 22.04
N SER C 157 33.60 -13.07 20.81
CA SER C 157 33.30 -12.12 19.73
C SER C 157 33.36 -12.80 18.34
N GLY C 158 32.32 -12.54 17.53
CA GLY C 158 32.20 -13.02 16.14
C GLY C 158 31.79 -14.45 15.91
N ASN C 159 31.57 -15.25 16.98
CA ASN C 159 31.17 -16.66 16.88
C ASN C 159 29.75 -16.97 17.45
N SER C 160 28.94 -15.92 17.63
CA SER C 160 27.58 -16.10 18.11
C SER C 160 26.58 -15.47 17.15
N GLN C 161 25.32 -15.92 17.23
CA GLN C 161 24.22 -15.40 16.43
C GLN C 161 22.97 -15.37 17.27
N GLU C 162 22.16 -14.35 17.09
CA GLU C 162 20.94 -14.34 17.86
C GLU C 162 19.70 -14.21 17.00
N SER C 163 18.58 -14.66 17.54
CA SER C 163 17.28 -14.59 16.90
C SER C 163 16.28 -14.15 17.94
N VAL C 164 15.41 -13.20 17.57
CA VAL C 164 14.34 -12.69 18.44
C VAL C 164 12.98 -13.02 17.82
N THR C 165 12.13 -13.52 18.65
CA THR C 165 10.76 -13.83 18.38
C THR C 165 10.02 -12.48 18.04
N GLU C 166 8.89 -12.56 17.34
CA GLU C 166 8.11 -11.36 17.06
C GLU C 166 7.30 -11.09 18.34
N GLN C 167 6.99 -9.82 18.61
CA GLN C 167 6.26 -9.44 19.82
C GLN C 167 4.99 -10.26 19.99
N ASP C 168 4.78 -10.81 21.20
CA ASP C 168 3.57 -11.59 21.45
C ASP C 168 2.31 -10.71 21.28
N SER C 169 1.30 -11.21 20.57
CA SER C 169 0.08 -10.48 20.23
C SER C 169 -0.95 -10.44 21.38
N LYS C 170 -0.60 -11.02 22.52
CA LYS C 170 -1.46 -11.03 23.70
C LYS C 170 -0.79 -10.37 24.90
N ASP C 171 0.43 -10.82 25.26
CA ASP C 171 1.11 -10.30 26.44
C ASP C 171 2.25 -9.31 26.12
N SER C 172 2.51 -9.04 24.81
CA SER C 172 3.49 -8.06 24.29
C SER C 172 4.96 -8.33 24.70
N THR C 173 5.30 -9.59 24.98
CA THR C 173 6.67 -9.92 25.36
C THR C 173 7.43 -10.46 24.16
N TYR C 174 8.77 -10.58 24.33
CA TYR C 174 9.74 -11.12 23.37
C TYR C 174 10.48 -12.31 24.01
N SER C 175 11.09 -13.15 23.14
CA SER C 175 11.97 -14.25 23.47
C SER C 175 13.17 -14.16 22.54
N LEU C 176 14.37 -14.53 23.02
CA LEU C 176 15.65 -14.40 22.30
C LEU C 176 16.42 -15.70 22.47
N SER C 177 17.08 -16.15 21.41
CA SER C 177 17.95 -17.31 21.45
C SER C 177 19.32 -16.83 21.00
N SER C 178 20.36 -17.21 21.72
CA SER C 178 21.73 -16.83 21.35
C SER C 178 22.48 -18.12 21.14
N THR C 179 23.14 -18.25 19.99
CA THR C 179 23.84 -19.49 19.67
C THR C 179 25.31 -19.24 19.41
N LEU C 180 26.13 -19.87 20.27
CA LEU C 180 27.58 -19.85 20.25
C LEU C 180 28.01 -21.05 19.43
N THR C 181 28.71 -20.80 18.33
CA THR C 181 29.14 -21.87 17.42
C THR C 181 30.66 -22.04 17.46
N LEU C 182 31.07 -23.23 17.93
CA LEU C 182 32.47 -23.64 18.06
C LEU C 182 32.68 -24.99 17.40
N SER C 183 33.91 -25.24 16.90
CA SER C 183 34.27 -26.55 16.37
C SER C 183 34.51 -27.48 17.57
N LYS C 184 34.40 -28.81 17.38
CA LYS C 184 34.59 -29.83 18.43
C LYS C 184 35.95 -29.61 19.14
N ALA C 185 37.03 -29.46 18.34
CA ALA C 185 38.40 -29.23 18.80
C ALA C 185 38.48 -28.02 19.75
N ASP C 186 37.89 -26.89 19.32
CA ASP C 186 37.84 -25.65 20.09
C ASP C 186 36.96 -25.82 21.33
N TYR C 187 35.86 -26.60 21.23
CA TYR C 187 34.94 -26.87 22.34
C TYR C 187 35.60 -27.70 23.44
N GLU C 188 36.27 -28.82 23.03
CA GLU C 188 36.96 -29.76 23.92
C GLU C 188 38.07 -29.10 24.75
N LYS C 189 38.78 -28.11 24.15
CA LYS C 189 39.86 -27.30 24.74
C LYS C 189 39.44 -26.46 25.96
N HIS C 190 38.13 -26.25 26.18
CA HIS C 190 37.62 -25.40 27.27
C HIS C 190 36.59 -26.09 28.15
N LYS C 191 36.37 -25.56 29.38
CA LYS C 191 35.43 -26.16 30.34
C LYS C 191 34.25 -25.26 30.75
N VAL C 192 34.50 -23.99 31.17
CA VAL C 192 33.41 -23.10 31.63
C VAL C 192 32.72 -22.39 30.45
N TYR C 193 31.41 -22.65 30.29
CA TYR C 193 30.60 -22.03 29.23
C TYR C 193 29.53 -21.16 29.85
N ALA C 194 29.70 -19.84 29.67
CA ALA C 194 28.83 -18.84 30.27
C ALA C 194 28.11 -17.96 29.30
N CYS C 195 26.91 -17.56 29.70
CA CYS C 195 26.08 -16.64 28.97
C CYS C 195 25.54 -15.59 29.97
N GLU C 196 25.95 -14.32 29.76
CA GLU C 196 25.66 -13.16 30.61
C GLU C 196 24.60 -12.26 29.95
N VAL C 197 23.51 -11.99 30.68
CA VAL C 197 22.35 -11.21 30.22
C VAL C 197 22.16 -9.85 30.93
N THR C 198 22.18 -8.76 30.14
CA THR C 198 21.92 -7.40 30.58
C THR C 198 20.52 -7.01 30.05
N HIS C 199 19.62 -6.65 30.97
CA HIS C 199 18.26 -6.22 30.63
C HIS C 199 17.69 -5.26 31.70
N GLN C 200 16.81 -4.34 31.27
CA GLN C 200 16.13 -3.34 32.09
C GLN C 200 15.45 -3.93 33.33
N GLY C 201 14.84 -5.11 33.18
CA GLY C 201 14.14 -5.81 34.24
C GLY C 201 15.02 -6.52 35.26
N LEU C 202 16.36 -6.48 35.04
CA LEU C 202 17.36 -7.09 35.89
C LEU C 202 18.19 -6.05 36.68
N SER C 203 18.19 -6.17 38.03
CA SER C 203 18.94 -5.31 38.97
C SER C 203 20.43 -5.29 38.60
N SER C 204 20.99 -6.50 38.40
CA SER C 204 22.37 -6.76 38.03
C SER C 204 22.44 -7.93 37.00
N PRO C 205 23.43 -7.91 36.05
CA PRO C 205 23.52 -8.98 35.04
C PRO C 205 23.35 -10.43 35.54
N VAL C 206 22.65 -11.25 34.72
CA VAL C 206 22.40 -12.66 35.03
C VAL C 206 23.24 -13.59 34.14
N THR C 207 24.10 -14.39 34.78
CA THR C 207 24.94 -15.37 34.13
C THR C 207 24.38 -16.79 34.38
N LYS C 208 24.24 -17.57 33.30
CA LYS C 208 23.82 -18.97 33.34
C LYS C 208 24.96 -19.79 32.72
N SER C 209 25.41 -20.85 33.43
CA SER C 209 26.55 -21.65 33.01
C SER C 209 26.46 -23.15 33.30
N PHE C 210 27.39 -23.88 32.67
CA PHE C 210 27.65 -25.30 32.82
C PHE C 210 29.16 -25.50 32.57
N ASN C 211 29.65 -26.71 32.86
CA ASN C 211 31.03 -27.10 32.61
C ASN C 211 31.02 -28.49 31.99
N ARG C 212 31.88 -28.70 30.97
CA ARG C 212 32.11 -29.94 30.21
C ARG C 212 32.79 -29.58 28.88
N GLY C 213 33.43 -30.56 28.25
CA GLY C 213 34.15 -30.38 26.99
C GLY C 213 35.65 -30.46 27.19
CA CA D . -7.27 5.79 -17.11
S SO4 E . -11.28 14.72 -3.38
O1 SO4 E . -10.29 15.69 -2.99
O2 SO4 E . -10.91 14.21 -4.67
O3 SO4 E . -11.20 13.70 -2.42
O4 SO4 E . -12.67 15.19 -3.37
S SO4 F . -29.61 17.70 -24.25
O1 SO4 F . -28.69 18.13 -25.32
O2 SO4 F . -29.86 16.25 -24.41
O3 SO4 F . -29.09 17.93 -22.90
O4 SO4 F . -30.87 18.43 -24.39
S SO4 G . 0.72 29.88 -12.87
O1 SO4 G . 1.20 28.79 -12.03
O2 SO4 G . 1.27 29.71 -14.24
O3 SO4 G . 1.17 31.15 -12.31
O4 SO4 G . -0.75 29.86 -12.86
S SO4 H . -22.23 -17.83 -1.90
O1 SO4 H . -21.58 -16.51 -1.78
O2 SO4 H . -21.44 -18.73 -2.77
O3 SO4 H . -22.37 -18.42 -0.57
O4 SO4 H . -23.58 -17.61 -2.46
#